data_2JUY
#
_entry.id   2JUY
#
_entity_poly.entity_id   1
_entity_poly.type   'polypeptide(L)'
_entity_poly.pdbx_seq_one_letter_code
;FFCPFGCALVDCGPNRPCRDTGF(SME)SCDC
;
_entity_poly.pdbx_strand_id   A
#
# COMPACT_ATOMS: atom_id res chain seq x y z
N PHE A 1 -6.39 5.67 1.36
CA PHE A 1 -5.69 6.15 2.56
C PHE A 1 -4.17 6.06 2.38
N PHE A 2 -3.45 6.93 3.09
CA PHE A 2 -1.99 6.96 3.01
C PHE A 2 -1.38 5.61 3.36
N CYS A 3 -0.56 5.08 2.45
CA CYS A 3 0.09 3.80 2.67
C CYS A 3 1.50 4.00 3.21
N PRO A 4 2.08 2.96 3.85
CA PRO A 4 3.42 3.04 4.42
C PRO A 4 4.51 2.67 3.41
N PHE A 5 4.56 1.39 3.03
CA PHE A 5 5.55 0.92 2.06
C PHE A 5 5.03 -0.26 1.27
N GLY A 6 3.71 -0.35 1.13
CA GLY A 6 3.11 -1.44 0.39
C GLY A 6 1.71 -1.78 0.87
N CYS A 7 1.43 -3.07 1.00
CA CYS A 7 0.12 -3.53 1.46
C CYS A 7 0.08 -3.67 2.98
N ALA A 8 1.07 -3.08 3.66
CA ALA A 8 1.13 -3.15 5.12
C ALA A 8 0.01 -2.34 5.75
N LEU A 9 -0.84 -3.02 6.52
CA LEU A 9 -1.96 -2.38 7.18
C LEU A 9 -2.85 -1.67 6.17
N VAL A 10 -2.82 -2.14 4.92
CA VAL A 10 -3.63 -1.55 3.86
C VAL A 10 -4.86 -2.42 3.58
N ASP A 11 -4.65 -3.54 2.91
CA ASP A 11 -5.76 -4.43 2.58
C ASP A 11 -5.29 -5.89 2.51
N CYS A 12 -4.29 -6.22 3.32
CA CYS A 12 -3.76 -7.58 3.37
C CYS A 12 -2.57 -7.67 4.33
N GLY A 13 -1.73 -6.63 4.33
CA GLY A 13 -0.57 -6.62 5.18
C GLY A 13 0.72 -6.46 4.39
N PRO A 14 1.87 -6.30 5.06
CA PRO A 14 3.15 -6.12 4.38
C PRO A 14 3.65 -7.42 3.75
N ASN A 15 2.96 -7.86 2.70
CA ASN A 15 3.34 -9.09 2.01
C ASN A 15 3.07 -8.98 0.51
N ARG A 16 1.84 -8.59 0.15
CA ARG A 16 1.46 -8.46 -1.26
C ARG A 16 1.74 -7.04 -1.75
N PRO A 17 2.18 -6.91 -3.02
CA PRO A 17 2.48 -5.60 -3.61
C PRO A 17 1.23 -4.89 -4.10
N CYS A 18 1.31 -3.56 -4.19
CA CYS A 18 0.18 -2.76 -4.64
C CYS A 18 0.63 -1.71 -5.65
N ARG A 19 -0.33 -1.03 -6.24
CA ARG A 19 -0.04 0.01 -7.23
C ARG A 19 0.14 1.37 -6.57
N ASP A 20 1.38 1.76 -6.33
CA ASP A 20 1.69 3.03 -5.71
C ASP A 20 2.27 4.02 -6.73
N THR A 21 1.48 5.02 -7.10
CA THR A 21 1.92 6.00 -8.07
C THR A 21 2.24 7.35 -7.40
N GLY A 22 1.61 7.59 -6.25
CA GLY A 22 1.84 8.84 -5.54
C GLY A 22 2.21 8.61 -4.09
N PHE A 23 2.94 9.56 -3.52
CA PHE A 23 3.37 9.46 -2.11
C PHE A 23 2.19 9.11 -1.21
N SME A 24 2.26 7.94 -0.58
CA SME A 24 1.20 7.49 0.32
CB SME A 24 1.01 8.48 1.47
CG SME A 24 2.23 8.61 2.36
S SME A 24 1.98 9.76 3.73
OE SME A 24 1.72 11.07 3.23
CE SME A 24 3.51 9.67 4.64
C SME A 24 -0.11 7.32 -0.45
O SME A 24 -1.14 7.88 -0.07
H SME A 24 3.05 7.38 -0.71
HA SME A 24 1.50 6.53 0.73
HB2 SME A 24 0.79 9.45 1.06
HB3 SME A 24 0.18 8.16 2.08
HG2 SME A 24 2.46 7.64 2.78
HG3 SME A 24 3.06 8.96 1.77
HE1 SME A 24 3.64 8.67 5.02
HE2 SME A 24 3.48 10.36 5.47
HE3 SME A 24 4.33 9.92 3.99
N SER A 25 -0.06 6.54 -1.51
CA SER A 25 -1.24 6.29 -2.33
C SER A 25 -1.16 4.90 -2.97
N CYS A 26 -1.13 3.89 -2.13
CA CYS A 26 -1.03 2.50 -2.60
C CYS A 26 -2.42 1.90 -2.83
N ASP A 27 -2.71 1.59 -4.09
CA ASP A 27 -4.00 1.01 -4.45
C ASP A 27 -3.84 -0.50 -4.71
N CYS A 28 -4.43 -1.29 -3.84
CA CYS A 28 -4.35 -2.75 -3.97
C CYS A 28 -5.63 -3.31 -4.58
N PHE A 1 -6.89 5.78 2.35
CA PHE A 1 -5.85 6.42 3.21
C PHE A 1 -4.46 6.27 2.60
N PHE A 2 -3.49 6.98 3.16
CA PHE A 2 -2.12 6.93 2.67
C PHE A 2 -1.35 5.77 3.29
N CYS A 3 -0.45 5.17 2.51
CA CYS A 3 0.35 4.05 3.00
C CYS A 3 1.76 4.53 3.35
N PRO A 4 2.38 3.89 4.38
CA PRO A 4 3.72 4.24 4.83
C PRO A 4 4.81 3.48 4.07
N PHE A 5 4.44 2.40 3.40
CA PHE A 5 5.39 1.60 2.65
C PHE A 5 4.75 1.01 1.40
N GLY A 6 3.80 0.09 1.61
CA GLY A 6 3.12 -0.53 0.49
C GLY A 6 1.73 -1.01 0.85
N CYS A 7 1.50 -2.31 0.75
CA CYS A 7 0.20 -2.89 1.07
C CYS A 7 0.01 -3.03 2.57
N ALA A 8 1.02 -2.63 3.35
CA ALA A 8 0.96 -2.72 4.80
C ALA A 8 -0.29 -2.04 5.35
N LEU A 9 -1.11 -2.80 6.05
CA LEU A 9 -2.34 -2.28 6.63
C LEU A 9 -3.21 -1.62 5.56
N VAL A 10 -3.02 -2.04 4.31
CA VAL A 10 -3.79 -1.48 3.20
C VAL A 10 -4.89 -2.45 2.76
N ASP A 11 -4.49 -3.54 2.11
CA ASP A 11 -5.46 -4.54 1.65
C ASP A 11 -4.85 -5.92 1.62
N CYS A 12 -3.92 -6.18 2.53
CA CYS A 12 -3.26 -7.48 2.61
C CYS A 12 -2.18 -7.49 3.68
N GLY A 13 -1.45 -6.38 3.79
CA GLY A 13 -0.38 -6.27 4.75
C GLY A 13 0.96 -6.11 4.06
N PRO A 14 2.05 -5.87 4.82
CA PRO A 14 3.38 -5.70 4.25
C PRO A 14 3.96 -7.01 3.74
N ASN A 15 3.34 -7.58 2.71
CA ASN A 15 3.80 -8.84 2.13
C ASN A 15 3.55 -8.89 0.62
N ARG A 16 2.32 -8.58 0.21
CA ARG A 16 1.97 -8.60 -1.21
C ARG A 16 2.10 -7.21 -1.81
N PRO A 17 2.41 -7.14 -3.12
CA PRO A 17 2.56 -5.87 -3.82
C PRO A 17 1.22 -5.18 -4.09
N CYS A 18 1.25 -3.85 -4.11
CA CYS A 18 0.04 -3.07 -4.35
C CYS A 18 0.25 -2.09 -5.51
N ARG A 19 -0.83 -1.41 -5.91
CA ARG A 19 -0.74 -0.45 -6.99
C ARG A 19 -0.77 0.97 -6.47
N ASP A 20 0.41 1.54 -6.26
CA ASP A 20 0.53 2.91 -5.74
C ASP A 20 1.25 3.81 -6.74
N THR A 21 0.73 5.03 -6.88
CA THR A 21 1.33 6.01 -7.80
C THR A 21 2.40 6.83 -7.09
N GLY A 22 2.25 6.95 -5.77
CA GLY A 22 3.21 7.72 -4.98
C GLY A 22 3.54 7.03 -3.66
N PHE A 23 4.24 7.74 -2.79
CA PHE A 23 4.61 7.20 -1.49
C PHE A 23 3.55 7.50 -0.44
N SME A 24 2.29 7.29 -0.80
CA SME A 24 1.17 7.54 0.10
CB SME A 24 1.24 8.97 0.64
CG SME A 24 1.37 10.02 -0.45
S SME A 24 1.46 11.70 0.21
OE SME A 24 2.62 11.84 1.04
CE SME A 24 -0.06 11.85 1.16
C SME A 24 -0.18 7.32 -0.59
O SME A 24 -1.15 8.00 -0.29
H SME A 24 2.10 6.96 -1.70
HA SME A 24 1.25 6.85 0.94
HB2 SME A 24 0.33 9.18 1.20
HB3 SME A 24 2.09 9.05 1.31
HG2 SME A 24 2.27 9.83 -1.01
HG3 SME A 24 0.51 9.95 -1.10
HE1 SME A 24 -0.90 11.71 0.51
HE2 SME A 24 -0.10 12.84 1.60
HE3 SME A 24 -0.06 11.11 1.94
N SER A 25 -0.21 6.36 -1.52
CA SER A 25 -1.42 6.06 -2.26
C SER A 25 -1.45 4.60 -2.68
N CYS A 26 -1.48 3.71 -1.70
CA CYS A 26 -1.51 2.28 -1.98
C CYS A 26 -2.93 1.77 -2.12
N ASP A 27 -3.27 1.29 -3.31
CA ASP A 27 -4.60 0.76 -3.58
C ASP A 27 -4.52 -0.54 -4.36
N CYS A 28 -4.87 -1.64 -3.70
CA CYS A 28 -4.83 -2.96 -4.33
C CYS A 28 -6.15 -3.27 -5.01
N PHE A 1 -6.17 6.46 2.36
CA PHE A 1 -5.23 5.86 3.35
C PHE A 1 -3.80 5.86 2.82
N PHE A 2 -2.87 6.30 3.67
CA PHE A 2 -1.46 6.35 3.29
C PHE A 2 -0.79 4.99 3.47
N CYS A 3 0.13 4.67 2.57
CA CYS A 3 0.86 3.40 2.64
C CYS A 3 2.29 3.61 3.11
N PRO A 4 2.66 3.03 4.27
CA PRO A 4 4.00 3.15 4.82
C PRO A 4 4.96 2.10 4.25
N PHE A 5 4.39 0.99 3.76
CA PHE A 5 5.21 -0.09 3.20
C PHE A 5 4.45 -0.83 2.11
N GLY A 6 3.46 -0.17 1.50
CA GLY A 6 2.69 -0.79 0.45
C GLY A 6 1.33 -1.27 0.93
N CYS A 7 1.18 -2.59 1.02
CA CYS A 7 -0.08 -3.18 1.47
C CYS A 7 -0.11 -3.34 3.00
N ALA A 8 0.85 -2.72 3.68
CA ALA A 8 0.94 -2.79 5.13
C ALA A 8 -0.37 -2.37 5.79
N LEU A 9 -0.95 -1.29 5.29
CA LEU A 9 -2.20 -0.78 5.83
C LEU A 9 -3.26 -0.63 4.74
N VAL A 10 -3.21 -1.54 3.76
CA VAL A 10 -4.17 -1.50 2.66
C VAL A 10 -5.25 -2.56 2.83
N ASP A 11 -5.02 -3.78 2.34
CA ASP A 11 -5.99 -4.85 2.47
C ASP A 11 -5.31 -6.21 2.53
N CYS A 12 -4.22 -6.31 3.27
CA CYS A 12 -3.50 -7.58 3.40
C CYS A 12 -2.34 -7.47 4.38
N GLY A 13 -1.66 -6.33 4.35
CA GLY A 13 -0.52 -6.13 5.22
C GLY A 13 0.79 -6.05 4.44
N PRO A 14 1.93 -5.98 5.14
CA PRO A 14 3.24 -5.90 4.48
C PRO A 14 3.65 -7.22 3.83
N ASN A 15 2.93 -7.63 2.80
CA ASN A 15 3.22 -8.87 2.10
C ASN A 15 2.97 -8.74 0.60
N ARG A 16 1.77 -8.29 0.23
CA ARG A 16 1.41 -8.12 -1.17
C ARG A 16 1.75 -6.72 -1.66
N PRO A 17 2.37 -6.60 -2.84
CA PRO A 17 2.76 -5.31 -3.41
C PRO A 17 1.60 -4.64 -4.16
N CYS A 18 1.26 -3.42 -3.76
CA CYS A 18 0.18 -2.68 -4.40
C CYS A 18 0.73 -1.68 -5.41
N ARG A 19 -0.17 -1.05 -6.17
CA ARG A 19 0.23 -0.08 -7.17
C ARG A 19 0.27 1.32 -6.58
N ASP A 20 1.44 1.95 -6.63
CA ASP A 20 1.60 3.31 -6.11
C ASP A 20 1.59 4.34 -7.23
N THR A 21 0.56 5.17 -7.25
CA THR A 21 0.42 6.21 -8.26
C THR A 21 1.05 7.52 -7.79
N GLY A 22 1.00 7.74 -6.49
CA GLY A 22 1.57 8.96 -5.92
C GLY A 22 2.33 8.70 -4.64
N PHE A 23 2.40 9.71 -3.78
CA PHE A 23 3.11 9.58 -2.51
C PHE A 23 2.17 9.10 -1.41
N SME A 24 2.46 7.92 -0.86
CA SME A 24 1.63 7.35 0.20
CB SME A 24 1.59 8.30 1.40
CG SME A 24 2.96 8.56 2.01
S SME A 24 2.95 9.91 3.20
OE SME A 24 4.26 10.10 3.73
CE SME A 24 1.79 9.36 4.44
C SME A 24 0.22 7.08 -0.30
O SME A 24 -0.76 7.55 0.27
H SME A 24 3.24 7.43 -1.17
HA SME A 24 2.08 6.42 0.50
HB2 SME A 24 1.17 9.24 1.09
HB3 SME A 24 0.96 7.87 2.16
HG2 SME A 24 3.30 7.66 2.50
HG3 SME A 24 3.65 8.81 1.21
HE1 SME A 24 1.80 10.06 5.27
HE2 SME A 24 2.06 8.38 4.78
HE3 SME A 24 0.81 9.33 4.01
N SER A 25 0.12 6.29 -1.38
CA SER A 25 -1.17 5.95 -1.97
C SER A 25 -1.10 4.59 -2.64
N CYS A 26 -0.82 3.56 -1.85
CA CYS A 26 -0.70 2.21 -2.37
C CYS A 26 -2.04 1.48 -2.30
N ASP A 27 -2.57 1.14 -3.47
CA ASP A 27 -3.85 0.44 -3.56
C ASP A 27 -3.75 -0.81 -4.43
N CYS A 28 -4.13 -1.94 -3.86
CA CYS A 28 -4.09 -3.21 -4.58
C CYS A 28 -5.39 -3.47 -5.33
N PHE A 1 -5.97 6.68 2.11
CA PHE A 1 -5.03 6.06 3.07
C PHE A 1 -3.61 6.03 2.49
N PHE A 2 -2.64 6.44 3.30
CA PHE A 2 -1.25 6.47 2.87
C PHE A 2 -0.55 5.14 3.19
N CYS A 3 0.38 4.73 2.34
CA CYS A 3 1.11 3.48 2.54
C CYS A 3 2.59 3.76 2.85
N PRO A 4 3.03 3.47 4.09
CA PRO A 4 4.42 3.68 4.49
C PRO A 4 5.31 2.48 4.20
N PHE A 5 4.70 1.30 4.11
CA PHE A 5 5.46 0.07 3.83
C PHE A 5 4.59 -0.94 3.08
N GLY A 6 3.96 -0.48 2.01
CA GLY A 6 3.11 -1.35 1.23
C GLY A 6 1.66 -1.30 1.68
N CYS A 7 0.92 -2.38 1.48
CA CYS A 7 -0.48 -2.42 1.88
C CYS A 7 -0.62 -2.91 3.32
N ALA A 8 0.29 -2.48 4.19
CA ALA A 8 0.26 -2.86 5.59
C ALA A 8 -0.99 -2.30 6.27
N LEU A 9 -1.78 -3.18 6.87
CA LEU A 9 -3.00 -2.77 7.55
C LEU A 9 -3.99 -2.18 6.55
N VAL A 10 -3.76 -2.43 5.26
CA VAL A 10 -4.63 -1.92 4.22
C VAL A 10 -5.57 -3.01 3.72
N ASP A 11 -5.07 -3.88 2.85
CA ASP A 11 -5.90 -4.97 2.32
C ASP A 11 -5.04 -6.17 1.96
N CYS A 12 -3.94 -6.34 2.69
CA CYS A 12 -3.03 -7.46 2.44
C CYS A 12 -1.75 -7.34 3.26
N GLY A 13 -1.84 -6.75 4.44
CA GLY A 13 -0.68 -6.59 5.31
C GLY A 13 0.56 -6.14 4.57
N PRO A 14 1.73 -6.14 5.24
CA PRO A 14 2.99 -5.73 4.63
C PRO A 14 3.68 -6.88 3.91
N ASN A 15 2.98 -7.52 2.98
CA ASN A 15 3.54 -8.64 2.22
C ASN A 15 2.94 -8.73 0.83
N ARG A 16 2.41 -7.61 0.33
CA ARG A 16 1.81 -7.58 -1.00
C ARG A 16 1.97 -6.19 -1.64
N PRO A 17 2.57 -6.12 -2.84
CA PRO A 17 2.78 -4.86 -3.55
C PRO A 17 1.52 -4.39 -4.29
N CYS A 18 1.33 -3.06 -4.32
CA CYS A 18 0.18 -2.48 -5.00
C CYS A 18 0.63 -1.44 -6.02
N ARG A 19 -0.32 -0.94 -6.80
CA ARG A 19 -0.02 0.06 -7.81
C ARG A 19 -0.15 1.47 -7.25
N ASP A 20 0.98 2.10 -6.97
CA ASP A 20 0.99 3.45 -6.42
C ASP A 20 1.01 4.49 -7.52
N THR A 21 0.29 5.59 -7.32
CA THR A 21 0.23 6.66 -8.31
C THR A 21 1.03 7.88 -7.86
N GLY A 22 1.21 8.02 -6.54
CA GLY A 22 1.97 9.13 -6.01
C GLY A 22 2.75 8.78 -4.77
N PHE A 23 2.79 9.70 -3.81
CA PHE A 23 3.51 9.47 -2.56
C PHE A 23 2.61 8.82 -1.52
N SME A 24 2.88 7.56 -1.19
CA SME A 24 2.09 6.84 -0.20
CB SME A 24 2.14 7.54 1.15
CG SME A 24 3.56 7.89 1.59
S SME A 24 3.62 8.59 3.25
OE SME A 24 4.95 9.00 3.56
CE SME A 24 3.07 7.24 4.28
C SME A 24 0.64 6.70 -0.67
O SME A 24 -0.28 7.32 -0.11
H SME A 24 3.63 7.11 -1.62
HA SME A 24 2.51 5.84 -0.11
HB2 SME A 24 1.57 8.45 1.10
HB3 SME A 24 1.71 6.89 1.89
HG2 SME A 24 4.16 7.00 1.57
HG3 SME A 24 3.96 8.62 0.90
HE1 SME A 24 3.03 7.55 5.31
HE2 SME A 24 3.76 6.40 4.19
HE3 SME A 24 2.08 6.91 3.97
N SER A 25 0.44 5.90 -1.71
CA SER A 25 -0.89 5.66 -2.27
C SER A 25 -0.96 4.26 -2.86
N CYS A 26 -0.80 3.27 -2.00
CA CYS A 26 -0.80 1.88 -2.42
C CYS A 26 -2.21 1.29 -2.39
N ASP A 27 -2.68 0.85 -3.56
CA ASP A 27 -4.00 0.27 -3.69
C ASP A 27 -3.99 -0.91 -4.66
N CYS A 28 -4.23 -2.11 -4.14
CA CYS A 28 -4.26 -3.30 -4.98
C CYS A 28 -5.66 -3.57 -5.52
N PHE A 1 -5.90 6.66 3.17
CA PHE A 1 -4.84 5.96 3.95
C PHE A 1 -3.50 6.05 3.25
N PHE A 2 -2.47 6.43 4.01
CA PHE A 2 -1.12 6.57 3.48
C PHE A 2 -0.35 5.25 3.60
N CYS A 3 0.41 4.92 2.55
CA CYS A 3 1.19 3.69 2.55
C CYS A 3 2.68 3.98 2.74
N PRO A 4 3.32 3.40 3.77
CA PRO A 4 4.74 3.60 4.04
C PRO A 4 5.62 2.68 3.22
N PHE A 5 5.13 1.48 2.95
CA PHE A 5 5.89 0.50 2.17
C PHE A 5 4.98 -0.17 1.14
N GLY A 6 4.00 -0.93 1.62
CA GLY A 6 3.08 -1.61 0.74
C GLY A 6 1.66 -1.55 1.25
N CYS A 7 0.95 -2.68 1.17
CA CYS A 7 -0.44 -2.74 1.64
C CYS A 7 -0.48 -3.16 3.10
N ALA A 8 0.43 -2.60 3.90
CA ALA A 8 0.51 -2.91 5.32
C ALA A 8 -0.84 -2.71 6.01
N LEU A 9 -1.66 -1.83 5.45
CA LEU A 9 -2.97 -1.54 6.02
C LEU A 9 -3.98 -1.20 4.93
N VAL A 10 -3.93 -1.93 3.81
CA VAL A 10 -4.85 -1.68 2.71
C VAL A 10 -5.72 -2.90 2.42
N ASP A 11 -5.16 -3.91 1.76
CA ASP A 11 -5.92 -5.12 1.43
C ASP A 11 -5.02 -6.35 1.35
N CYS A 12 -4.02 -6.42 2.22
CA CYS A 12 -3.12 -7.58 2.24
C CYS A 12 -1.96 -7.38 3.22
N GLY A 13 -2.17 -6.59 4.27
CA GLY A 13 -1.12 -6.35 5.26
C GLY A 13 0.25 -6.15 4.64
N PRO A 14 1.31 -6.24 5.46
CA PRO A 14 2.69 -6.06 4.98
C PRO A 14 3.28 -7.37 4.46
N ASN A 15 2.75 -7.87 3.35
CA ASN A 15 3.22 -9.11 2.76
C ASN A 15 3.13 -9.08 1.24
N ARG A 16 1.99 -8.64 0.73
CA ARG A 16 1.77 -8.56 -0.71
C ARG A 16 2.05 -7.16 -1.23
N PRO A 17 2.53 -7.06 -2.48
CA PRO A 17 2.84 -5.76 -3.10
C PRO A 17 1.58 -4.97 -3.44
N CYS A 18 1.77 -3.70 -3.79
CA CYS A 18 0.65 -2.83 -4.15
C CYS A 18 1.04 -1.90 -5.29
N ARG A 19 0.05 -1.18 -5.81
CA ARG A 19 0.29 -0.25 -6.92
C ARG A 19 0.39 1.18 -6.41
N ASP A 20 1.52 1.81 -6.68
CA ASP A 20 1.75 3.19 -6.24
C ASP A 20 1.28 4.18 -7.30
N THR A 21 0.56 5.21 -6.87
CA THR A 21 0.05 6.23 -7.79
C THR A 21 0.72 7.57 -7.53
N GLY A 22 1.03 7.84 -6.26
CA GLY A 22 1.67 9.10 -5.91
C GLY A 22 2.43 9.00 -4.60
N PHE A 23 2.25 10.00 -3.74
CA PHE A 23 2.92 10.04 -2.44
C PHE A 23 2.08 9.35 -1.37
N SME A 24 2.48 8.14 -1.01
CA SME A 24 1.76 7.37 0.01
CB SME A 24 1.83 8.09 1.35
CG SME A 24 3.24 8.32 1.85
S SME A 24 3.30 9.19 3.43
OE SME A 24 2.67 8.40 4.44
CE SME A 24 2.40 10.71 3.09
C SME A 24 0.30 7.16 -0.41
O SME A 24 -0.62 7.68 0.21
H SME A 24 3.27 7.74 -1.43
HA SME A 24 2.24 6.40 0.09
HB2 SME A 24 1.34 9.05 1.26
HB3 SME A 24 1.30 7.50 2.08
HG2 SME A 24 3.73 7.36 1.97
HG3 SME A 24 3.77 8.90 1.11
HE1 SME A 24 2.37 11.31 3.99
HE2 SME A 24 1.40 10.47 2.78
HE3 SME A 24 2.91 11.25 2.31
N SER A 25 0.12 6.38 -1.47
CA SER A 25 -1.21 6.10 -2.00
C SER A 25 -1.22 4.73 -2.67
N CYS A 26 -1.00 3.70 -1.87
CA CYS A 26 -0.95 2.34 -2.38
C CYS A 26 -2.33 1.69 -2.36
N ASP A 27 -2.84 1.34 -3.53
CA ASP A 27 -4.14 0.71 -3.66
C ASP A 27 -4.03 -0.63 -4.36
N CYS A 28 -4.32 -1.71 -3.63
CA CYS A 28 -4.24 -3.06 -4.18
C CYS A 28 -5.59 -3.47 -4.78
N PHE A 1 -6.01 6.45 2.99
CA PHE A 1 -4.96 5.83 3.83
C PHE A 1 -3.60 5.90 3.16
N PHE A 2 -2.59 6.36 3.92
CA PHE A 2 -1.24 6.49 3.40
C PHE A 2 -0.44 5.21 3.62
N CYS A 3 0.33 4.81 2.61
CA CYS A 3 1.15 3.60 2.71
C CYS A 3 2.61 3.96 2.94
N PRO A 4 3.25 3.39 3.99
CA PRO A 4 4.65 3.65 4.30
C PRO A 4 5.60 2.80 3.46
N PHE A 5 5.11 1.67 2.99
CA PHE A 5 5.92 0.76 2.18
C PHE A 5 5.10 0.20 1.02
N GLY A 6 3.99 -0.44 1.36
CA GLY A 6 3.12 -1.03 0.34
C GLY A 6 1.74 -1.32 0.87
N CYS A 7 1.46 -2.59 1.13
CA CYS A 7 0.16 -3.00 1.65
C CYS A 7 0.15 -3.00 3.18
N ALA A 8 0.80 -2.00 3.77
CA ALA A 8 0.87 -1.90 5.23
C ALA A 8 -0.49 -2.11 5.88
N LEU A 9 -1.44 -1.26 5.52
CA LEU A 9 -2.80 -1.35 6.07
C LEU A 9 -3.84 -1.12 4.98
N VAL A 10 -3.70 -1.84 3.87
CA VAL A 10 -4.64 -1.71 2.76
C VAL A 10 -5.63 -2.87 2.71
N ASP A 11 -5.26 -3.95 2.03
CA ASP A 11 -6.14 -5.12 1.93
C ASP A 11 -5.32 -6.40 1.77
N CYS A 12 -4.21 -6.47 2.48
CA CYS A 12 -3.35 -7.65 2.41
C CYS A 12 -2.16 -7.56 3.37
N GLY A 13 -2.27 -6.73 4.40
CA GLY A 13 -1.20 -6.59 5.36
C GLY A 13 0.15 -6.36 4.68
N PRO A 14 1.24 -6.32 5.46
CA PRO A 14 2.59 -6.12 4.91
C PRO A 14 3.14 -7.39 4.28
N ASN A 15 2.44 -7.89 3.26
CA ASN A 15 2.86 -9.10 2.57
C ASN A 15 2.74 -8.95 1.06
N ARG A 16 1.55 -8.62 0.59
CA ARG A 16 1.30 -8.43 -0.84
C ARG A 16 1.57 -6.99 -1.25
N PRO A 17 2.29 -6.78 -2.37
CA PRO A 17 2.61 -5.44 -2.87
C PRO A 17 1.45 -4.83 -3.67
N CYS A 18 1.34 -3.51 -3.59
CA CYS A 18 0.29 -2.79 -4.31
C CYS A 18 0.88 -1.74 -5.26
N ARG A 19 0.05 -1.18 -6.12
CA ARG A 19 0.49 -0.17 -7.07
C ARG A 19 0.15 1.23 -6.58
N ASP A 20 1.18 2.07 -6.50
CA ASP A 20 1.00 3.45 -6.05
C ASP A 20 1.33 4.43 -7.17
N THR A 21 0.57 5.53 -7.25
CA THR A 21 0.79 6.53 -8.27
C THR A 21 1.25 7.85 -7.67
N GLY A 22 1.03 8.03 -6.37
CA GLY A 22 1.44 9.27 -5.71
C GLY A 22 2.23 9.02 -4.44
N PHE A 23 2.23 10.00 -3.55
CA PHE A 23 2.95 9.89 -2.29
C PHE A 23 2.10 9.16 -1.25
N SME A 24 2.45 7.91 -0.97
CA SME A 24 1.72 7.10 0.00
CB SME A 24 1.71 7.79 1.36
CG SME A 24 3.11 8.13 1.88
S SME A 24 3.07 8.95 3.49
OE SME A 24 2.53 8.07 4.47
CE SME A 24 2.01 10.37 3.20
C SME A 24 0.29 6.85 -0.48
O SME A 24 -0.66 7.39 0.08
H SME A 24 3.23 7.52 -1.44
HA SME A 24 2.23 6.15 0.08
HB2 SME A 24 1.14 8.70 1.30
HB3 SME A 24 1.25 7.13 2.08
HG2 SME A 24 3.68 7.22 1.97
HG3 SME A 24 3.58 8.79 1.17
HE1 SME A 24 1.05 10.05 2.89
HE2 SME A 24 2.45 10.99 2.44
HE3 SME A 24 1.93 10.94 4.12
N SER A 25 0.17 6.02 -1.51
CA SER A 25 -1.13 5.69 -2.08
C SER A 25 -1.09 4.29 -2.67
N CYS A 26 -0.85 3.32 -1.81
CA CYS A 26 -0.75 1.93 -2.23
C CYS A 26 -2.12 1.24 -2.19
N ASP A 27 -2.59 0.80 -3.35
CA ASP A 27 -3.87 0.13 -3.44
C ASP A 27 -3.80 -1.09 -4.36
N CYS A 28 -4.13 -2.26 -3.82
CA CYS A 28 -4.10 -3.50 -4.59
C CYS A 28 -5.45 -3.74 -5.26
N PHE A 1 -6.07 6.47 2.63
CA PHE A 1 -5.16 5.65 3.46
C PHE A 1 -3.73 5.71 2.93
N PHE A 2 -2.78 5.99 3.83
CA PHE A 2 -1.38 6.08 3.45
C PHE A 2 -0.68 4.73 3.58
N CYS A 3 0.27 4.48 2.68
CA CYS A 3 1.01 3.22 2.68
C CYS A 3 2.49 3.49 2.38
N PRO A 4 3.41 2.96 3.21
CA PRO A 4 4.86 3.16 3.03
C PRO A 4 5.45 2.31 1.92
N PHE A 5 5.10 1.03 1.90
CA PHE A 5 5.61 0.11 0.88
C PHE A 5 4.47 -0.63 0.21
N GLY A 6 3.83 -1.52 0.97
CA GLY A 6 2.71 -2.28 0.43
C GLY A 6 1.39 -1.83 1.02
N CYS A 7 0.75 -2.71 1.77
CA CYS A 7 -0.53 -2.38 2.39
C CYS A 7 -0.32 -1.75 3.76
N ALA A 8 0.05 -2.57 4.74
CA ALA A 8 0.26 -2.10 6.10
C ALA A 8 -1.07 -1.76 6.77
N LEU A 9 -1.84 -2.78 7.10
CA LEU A 9 -3.14 -2.59 7.73
C LEU A 9 -4.12 -1.94 6.76
N VAL A 10 -3.96 -2.23 5.47
CA VAL A 10 -4.84 -1.65 4.46
C VAL A 10 -5.77 -2.71 3.87
N ASP A 11 -5.24 -3.58 3.01
CA ASP A 11 -6.06 -4.62 2.40
C ASP A 11 -5.22 -5.86 2.07
N CYS A 12 -4.24 -6.15 2.91
CA CYS A 12 -3.38 -7.31 2.70
C CYS A 12 -2.26 -7.37 3.75
N GLY A 13 -1.85 -6.21 4.24
CA GLY A 13 -0.79 -6.15 5.21
C GLY A 13 0.57 -6.09 4.55
N PRO A 14 1.67 -6.10 5.34
CA PRO A 14 3.02 -6.05 4.79
C PRO A 14 3.40 -7.35 4.07
N ASN A 15 2.69 -7.66 3.00
CA ASN A 15 2.95 -8.87 2.23
C ASN A 15 2.78 -8.63 0.73
N ARG A 16 1.56 -8.30 0.32
CA ARG A 16 1.27 -8.06 -1.09
C ARG A 16 1.48 -6.59 -1.45
N PRO A 17 2.53 -6.27 -2.23
CA PRO A 17 2.83 -4.90 -2.63
C PRO A 17 1.82 -4.35 -3.65
N CYS A 18 1.49 -3.07 -3.51
CA CYS A 18 0.55 -2.43 -4.41
C CYS A 18 1.26 -1.44 -5.33
N ARG A 19 0.51 -0.88 -6.27
CA ARG A 19 1.06 0.10 -7.20
C ARG A 19 0.94 1.51 -6.64
N ASP A 20 2.07 2.20 -6.56
CA ASP A 20 2.09 3.56 -6.04
C ASP A 20 1.89 4.57 -7.16
N THR A 21 0.93 5.48 -6.97
CA THR A 21 0.63 6.50 -7.95
C THR A 21 1.09 7.88 -7.48
N GLY A 22 1.13 8.07 -6.16
CA GLY A 22 1.54 9.34 -5.61
C GLY A 22 2.28 9.20 -4.30
N PHE A 23 1.97 10.08 -3.35
CA PHE A 23 2.61 10.05 -2.04
C PHE A 23 1.84 9.16 -1.07
N SME A 24 2.39 7.99 -0.77
CA SME A 24 1.74 7.05 0.14
CB SME A 24 1.63 7.65 1.54
CG SME A 24 2.95 7.70 2.31
S SME A 24 4.12 8.87 1.58
OE SME A 24 5.37 8.78 2.27
CE SME A 24 3.32 10.45 1.80
C SME A 24 0.37 6.64 -0.37
O SME A 24 -0.65 7.11 0.12
H SME A 24 3.25 7.76 -1.18
HA SME A 24 2.38 6.17 0.19
HB2 SME A 24 1.25 8.66 1.45
HB3 SME A 24 0.93 7.06 2.11
HG2 SME A 24 2.75 8.00 3.32
HG3 SME A 24 3.39 6.71 2.29
HE1 SME A 24 3.95 11.22 1.38
HE2 SME A 24 3.18 10.63 2.85
HE3 SME A 24 2.37 10.44 1.30
N SER A 25 0.36 5.75 -1.37
CA SER A 25 -0.89 5.27 -1.95
C SER A 25 -0.73 3.84 -2.46
N CYS A 26 -1.25 2.89 -1.71
CA CYS A 26 -1.15 1.49 -2.09
C CYS A 26 -2.49 0.97 -2.63
N ASP A 27 -2.53 0.76 -3.94
CA ASP A 27 -3.74 0.27 -4.59
C ASP A 27 -3.49 -1.05 -5.31
N CYS A 28 -3.86 -2.15 -4.66
CA CYS A 28 -3.66 -3.47 -5.25
C CYS A 28 -4.89 -3.89 -6.06
N PHE A 1 -7.01 6.35 2.01
CA PHE A 1 -6.04 5.92 3.05
C PHE A 1 -4.60 6.03 2.55
N PHE A 2 -3.73 6.52 3.41
CA PHE A 2 -2.32 6.70 3.07
C PHE A 2 -1.52 5.44 3.41
N CYS A 3 -0.64 5.03 2.49
CA CYS A 3 0.19 3.86 2.71
C CYS A 3 1.62 4.25 3.07
N PRO A 4 2.20 3.62 4.12
CA PRO A 4 3.56 3.92 4.55
C PRO A 4 4.60 3.12 3.78
N PHE A 5 4.16 2.01 3.17
CA PHE A 5 5.06 1.16 2.40
C PHE A 5 4.35 0.58 1.18
N GLY A 6 3.35 -0.25 1.43
CA GLY A 6 2.60 -0.87 0.35
C GLY A 6 1.24 -1.37 0.80
N CYS A 7 1.11 -2.68 0.95
CA CYS A 7 -0.14 -3.29 1.39
C CYS A 7 -0.19 -3.40 2.91
N ALA A 8 0.77 -2.76 3.59
CA ALA A 8 0.83 -2.79 5.05
C ALA A 8 -0.52 -2.48 5.68
N LEU A 9 -0.92 -1.22 5.60
CA LEU A 9 -2.19 -0.79 6.16
C LEU A 9 -3.27 -0.72 5.07
N VAL A 10 -3.17 -1.61 4.09
CA VAL A 10 -4.14 -1.64 3.00
C VAL A 10 -5.16 -2.77 3.18
N ASP A 11 -4.85 -3.97 2.68
CA ASP A 11 -5.78 -5.09 2.81
C ASP A 11 -5.06 -6.43 2.86
N CYS A 12 -3.92 -6.47 3.54
CA CYS A 12 -3.16 -7.72 3.65
C CYS A 12 -1.93 -7.56 4.54
N GLY A 13 -1.25 -6.43 4.39
CA GLY A 13 -0.04 -6.18 5.17
C GLY A 13 1.17 -5.97 4.28
N PRO A 14 2.34 -5.71 4.87
CA PRO A 14 3.58 -5.49 4.11
C PRO A 14 4.10 -6.77 3.46
N ASN A 15 3.34 -7.30 2.51
CA ASN A 15 3.74 -8.53 1.82
C ASN A 15 3.39 -8.46 0.34
N ARG A 16 2.16 -8.08 0.03
CA ARG A 16 1.71 -7.98 -1.36
C ARG A 16 1.88 -6.56 -1.89
N PRO A 17 2.24 -6.42 -3.19
CA PRO A 17 2.43 -5.11 -3.82
C PRO A 17 1.10 -4.44 -4.18
N CYS A 18 1.17 -3.16 -4.54
CA CYS A 18 -0.03 -2.41 -4.90
C CYS A 18 0.28 -1.41 -6.01
N ARG A 19 -0.77 -0.88 -6.63
CA ARG A 19 -0.60 0.11 -7.70
C ARG A 19 -0.58 1.52 -7.13
N ASP A 20 0.61 1.97 -6.74
CA ASP A 20 0.77 3.30 -6.16
C ASP A 20 1.66 4.18 -7.03
N THR A 21 1.26 5.44 -7.18
CA THR A 21 2.03 6.39 -7.96
C THR A 21 3.05 7.11 -7.08
N GLY A 22 2.78 7.13 -5.78
CA GLY A 22 3.67 7.76 -4.83
C GLY A 22 3.76 6.98 -3.53
N PHE A 23 4.43 7.54 -2.54
CA PHE A 23 4.57 6.88 -1.24
C PHE A 23 3.44 7.27 -0.29
N SME A 24 2.21 7.15 -0.78
CA SME A 24 1.04 7.51 0.03
CB SME A 24 1.09 8.99 0.39
CG SME A 24 1.39 9.89 -0.80
S SME A 24 1.41 11.65 -0.37
OE SME A 24 2.36 11.89 0.67
CE SME A 24 -0.27 11.96 0.16
C SME A 24 -0.28 7.19 -0.69
O SME A 24 -1.31 7.77 -0.35
H SME A 24 2.07 6.85 -1.70
HA SME A 24 1.09 6.93 0.94
HB2 SME A 24 0.13 9.28 0.79
HB3 SME A 24 1.85 9.15 1.14
HG2 SME A 24 2.37 9.62 -1.19
HG3 SME A 24 0.66 9.73 -1.56
HE1 SME A 24 -0.95 11.67 -0.63
HE2 SME A 24 -0.38 13.01 0.37
HE3 SME A 24 -0.48 11.39 1.05
N SER A 25 -0.24 6.28 -1.65
CA SER A 25 -1.44 5.92 -2.40
C SER A 25 -1.35 4.48 -2.89
N CYS A 26 -1.36 3.54 -1.97
CA CYS A 26 -1.27 2.13 -2.32
C CYS A 26 -2.65 1.48 -2.35
N ASP A 27 -3.11 1.14 -3.55
CA ASP A 27 -4.41 0.50 -3.73
C ASP A 27 -4.26 -0.87 -4.35
N CYS A 28 -4.32 -1.91 -3.51
CA CYS A 28 -4.19 -3.28 -3.98
C CYS A 28 -5.38 -4.13 -3.52
N PHE A 1 -6.05 6.32 2.73
CA PHE A 1 -5.11 5.46 3.51
C PHE A 1 -3.69 5.58 2.96
N PHE A 2 -2.74 5.81 3.87
CA PHE A 2 -1.34 5.95 3.49
C PHE A 2 -0.63 4.60 3.51
N CYS A 3 0.34 4.43 2.62
CA CYS A 3 1.10 3.19 2.54
C CYS A 3 2.58 3.49 2.23
N PRO A 4 3.52 2.94 3.02
CA PRO A 4 4.94 3.17 2.83
C PRO A 4 5.55 2.27 1.75
N PHE A 5 5.19 0.99 1.78
CA PHE A 5 5.71 0.05 0.80
C PHE A 5 4.57 -0.68 0.09
N GLY A 6 3.86 -1.52 0.84
CA GLY A 6 2.75 -2.26 0.27
C GLY A 6 1.42 -1.80 0.83
N CYS A 7 0.79 -2.65 1.64
CA CYS A 7 -0.49 -2.31 2.26
C CYS A 7 -0.28 -1.63 3.61
N ALA A 8 0.03 -2.44 4.62
CA ALA A 8 0.24 -1.93 5.96
C ALA A 8 -1.09 -1.56 6.60
N LEU A 9 -1.87 -2.57 6.95
CA LEU A 9 -3.19 -2.37 7.56
C LEU A 9 -4.14 -1.71 6.56
N VAL A 10 -3.98 -2.04 5.29
CA VAL A 10 -4.82 -1.50 4.23
C VAL A 10 -5.76 -2.55 3.66
N ASP A 11 -5.23 -3.44 2.82
CA ASP A 11 -6.04 -4.48 2.21
C ASP A 11 -5.24 -5.74 1.93
N CYS A 12 -4.28 -6.03 2.80
CA CYS A 12 -3.43 -7.21 2.64
C CYS A 12 -2.35 -7.29 3.71
N GLY A 13 -1.89 -6.12 4.16
CA GLY A 13 -0.85 -6.06 5.16
C GLY A 13 0.53 -6.08 4.53
N PRO A 14 1.60 -6.18 5.33
CA PRO A 14 2.97 -6.20 4.80
C PRO A 14 3.32 -7.55 4.19
N ASN A 15 2.64 -7.91 3.10
CA ASN A 15 2.88 -9.19 2.43
C ASN A 15 2.73 -9.06 0.92
N ARG A 16 1.60 -8.50 0.48
CA ARG A 16 1.34 -8.34 -0.95
C ARG A 16 1.72 -6.93 -1.42
N PRO A 17 2.36 -6.83 -2.59
CA PRO A 17 2.78 -5.54 -3.15
C PRO A 17 1.61 -4.74 -3.73
N CYS A 18 1.82 -3.44 -3.93
CA CYS A 18 0.79 -2.57 -4.46
C CYS A 18 1.39 -1.54 -5.41
N ARG A 19 0.55 -0.95 -6.25
CA ARG A 19 1.01 0.05 -7.21
C ARG A 19 0.95 1.45 -6.61
N ASP A 20 2.09 2.14 -6.62
CA ASP A 20 2.17 3.49 -6.08
C ASP A 20 1.85 4.53 -7.15
N THR A 21 1.07 5.54 -6.79
CA THR A 21 0.70 6.59 -7.72
C THR A 21 0.99 7.97 -7.14
N GLY A 22 0.67 8.15 -5.86
CA GLY A 22 0.91 9.44 -5.21
C GLY A 22 1.54 9.29 -3.84
N PHE A 23 1.76 10.41 -3.18
CA PHE A 23 2.37 10.41 -1.84
C PHE A 23 1.68 9.40 -0.92
N SME A 24 2.31 8.26 -0.70
CA SME A 24 1.76 7.23 0.16
CB SME A 24 1.63 7.74 1.60
CG SME A 24 2.94 7.71 2.37
S SME A 24 4.24 8.70 1.59
OE SME A 24 4.63 8.10 0.36
CE SME A 24 5.56 8.67 2.80
C SME A 24 0.39 6.78 -0.35
O SME A 24 -0.65 7.18 0.17
H SME A 24 3.19 8.12 -1.12
HA SME A 24 2.44 6.38 0.14
HB2 SME A 24 1.27 8.75 1.58
HB3 SME A 24 0.91 7.12 2.12
HG2 SME A 24 2.76 8.10 3.36
HG3 SME A 24 3.28 6.69 2.45
HE1 SME A 24 5.21 9.10 3.72
HE2 SME A 24 6.40 9.24 2.42
HE3 SME A 24 5.88 7.65 2.96
N SER A 25 0.41 5.92 -1.37
CA SER A 25 -0.83 5.41 -1.96
C SER A 25 -0.60 4.02 -2.52
N CYS A 26 -1.19 3.01 -1.88
CA CYS A 26 -1.04 1.63 -2.32
C CYS A 26 -2.34 1.10 -2.92
N ASP A 27 -2.37 1.00 -4.25
CA ASP A 27 -3.54 0.50 -4.95
C ASP A 27 -3.34 -0.94 -5.41
N CYS A 28 -3.67 -1.89 -4.55
CA CYS A 28 -3.53 -3.31 -4.86
C CYS A 28 -4.86 -4.03 -4.69
N PHE A 1 -6.28 6.15 1.43
CA PHE A 1 -5.49 6.66 2.57
C PHE A 1 -3.99 6.43 2.33
N PHE A 2 -3.20 7.44 2.66
CA PHE A 2 -1.75 7.36 2.48
C PHE A 2 -1.15 6.20 3.27
N CYS A 3 -0.32 5.40 2.62
CA CYS A 3 0.31 4.26 3.28
C CYS A 3 1.84 4.41 3.27
N PRO A 4 2.54 3.66 4.14
CA PRO A 4 3.99 3.73 4.25
C PRO A 4 4.69 3.43 2.92
N PHE A 5 4.51 2.21 2.43
CA PHE A 5 5.13 1.78 1.18
C PHE A 5 4.28 0.75 0.46
N GLY A 6 3.91 -0.31 1.17
CA GLY A 6 3.09 -1.36 0.59
C GLY A 6 1.66 -1.29 1.06
N CYS A 7 0.97 -2.43 1.03
CA CYS A 7 -0.42 -2.49 1.46
C CYS A 7 -0.52 -2.82 2.96
N ALA A 8 0.38 -2.24 3.75
CA ALA A 8 0.39 -2.46 5.18
C ALA A 8 -0.91 -2.02 5.83
N LEU A 9 -1.60 -2.95 6.48
CA LEU A 9 -2.87 -2.64 7.13
C LEU A 9 -3.90 -2.13 6.12
N VAL A 10 -3.76 -2.57 4.88
CA VAL A 10 -4.67 -2.16 3.82
C VAL A 10 -5.58 -3.31 3.39
N ASP A 11 -5.04 -4.23 2.60
CA ASP A 11 -5.80 -5.39 2.13
C ASP A 11 -4.90 -6.59 1.91
N CYS A 12 -3.84 -6.67 2.70
CA CYS A 12 -2.89 -7.77 2.57
C CYS A 12 -1.73 -7.62 3.54
N GLY A 13 -1.35 -6.38 3.86
CA GLY A 13 -0.27 -6.15 4.79
C GLY A 13 1.08 -6.04 4.09
N PRO A 14 2.15 -5.75 4.86
CA PRO A 14 3.51 -5.61 4.31
C PRO A 14 4.07 -6.94 3.80
N ASN A 15 3.43 -7.48 2.78
CA ASN A 15 3.86 -8.75 2.20
C ASN A 15 3.52 -8.81 0.71
N ARG A 16 2.31 -8.40 0.36
CA ARG A 16 1.87 -8.41 -1.04
C ARG A 16 2.06 -7.03 -1.67
N PRO A 17 2.46 -6.98 -2.95
CA PRO A 17 2.67 -5.72 -3.67
C PRO A 17 1.36 -5.02 -4.02
N CYS A 18 1.35 -3.71 -3.87
CA CYS A 18 0.16 -2.91 -4.17
C CYS A 18 0.44 -1.95 -5.33
N ARG A 19 -0.60 -1.26 -5.79
CA ARG A 19 -0.45 -0.32 -6.90
C ARG A 19 -0.43 1.11 -6.38
N ASP A 20 0.75 1.56 -5.97
CA ASP A 20 0.91 2.92 -5.46
C ASP A 20 1.36 3.87 -6.56
N THR A 21 0.74 5.04 -6.60
CA THR A 21 1.08 6.06 -7.60
C THR A 21 2.19 6.97 -7.09
N GLY A 22 2.30 7.08 -5.78
CA GLY A 22 3.32 7.92 -5.18
C GLY A 22 3.76 7.40 -3.83
N PHE A 23 4.36 8.27 -3.01
CA PHE A 23 4.83 7.87 -1.68
C PHE A 23 3.74 8.09 -0.63
N SME A 24 2.52 7.67 -0.97
CA SME A 24 1.38 7.82 -0.07
CB SME A 24 1.28 9.26 0.44
CG SME A 24 1.27 10.30 -0.67
S SME A 24 1.12 11.98 -0.04
OE SME A 24 -0.11 12.15 0.64
CE SME A 24 1.20 12.98 -1.53
C SME A 24 0.09 7.42 -0.76
O SME A 24 -0.92 8.14 -0.68
H SME A 24 2.38 7.26 -1.84
HA SME A 24 1.54 7.16 0.78
HB2 SME A 24 0.36 9.37 1.01
HB3 SME A 24 2.12 9.46 1.09
HG2 SME A 24 2.18 10.21 -1.23
HG3 SME A 24 0.43 10.10 -1.32
HE1 SME A 24 0.36 12.73 -2.17
HE2 SME A 24 2.13 12.79 -2.05
HE3 SME A 24 1.15 14.03 -1.26
N SER A 25 0.10 6.28 -1.44
CA SER A 25 -1.07 5.80 -2.15
C SER A 25 -1.07 4.28 -2.21
N CYS A 26 -1.94 3.66 -1.42
CA CYS A 26 -2.04 2.22 -1.39
C CYS A 26 -3.38 1.74 -1.93
N ASP A 27 -3.36 1.30 -3.20
CA ASP A 27 -4.57 0.83 -3.84
C ASP A 27 -4.34 -0.53 -4.50
N CYS A 28 -4.80 -1.59 -3.83
CA CYS A 28 -4.64 -2.94 -4.34
C CYS A 28 -5.87 -3.37 -5.14
N PHE A 1 -6.14 6.36 2.17
CA PHE A 1 -5.22 5.63 3.09
C PHE A 1 -3.77 5.78 2.64
N PHE A 2 -2.91 6.15 3.58
CA PHE A 2 -1.48 6.33 3.30
C PHE A 2 -0.71 5.02 3.50
N CYS A 3 0.13 4.67 2.54
CA CYS A 3 0.91 3.45 2.64
C CYS A 3 2.37 3.75 3.02
N PRO A 4 2.86 3.19 4.13
CA PRO A 4 4.22 3.40 4.59
C PRO A 4 5.24 2.53 3.86
N PHE A 5 4.76 1.42 3.30
CA PHE A 5 5.62 0.50 2.58
C PHE A 5 4.89 -0.06 1.35
N GLY A 6 3.67 -0.53 1.56
CA GLY A 6 2.90 -1.08 0.47
C GLY A 6 1.47 -1.43 0.90
N CYS A 7 1.20 -2.72 1.01
CA CYS A 7 -0.13 -3.19 1.41
C CYS A 7 -0.23 -3.32 2.94
N ALA A 8 0.79 -2.83 3.64
CA ALA A 8 0.82 -2.90 5.09
C ALA A 8 -0.31 -2.08 5.70
N LEU A 9 -1.17 -2.76 6.47
CA LEU A 9 -2.30 -2.09 7.11
C LEU A 9 -3.19 -1.40 6.08
N VAL A 10 -3.16 -1.91 4.85
CA VAL A 10 -3.98 -1.33 3.78
C VAL A 10 -5.19 -2.22 3.48
N ASP A 11 -4.97 -3.34 2.81
CA ASP A 11 -6.06 -4.25 2.48
C ASP A 11 -5.57 -5.69 2.38
N CYS A 12 -4.55 -6.00 3.19
CA CYS A 12 -3.99 -7.35 3.21
C CYS A 12 -2.83 -7.44 4.20
N GLY A 13 -2.02 -6.38 4.25
CA GLY A 13 -0.89 -6.36 5.14
C GLY A 13 0.43 -6.24 4.39
N PRO A 14 1.57 -6.19 5.09
CA PRO A 14 2.88 -6.07 4.48
C PRO A 14 3.33 -7.38 3.81
N ASN A 15 2.62 -7.77 2.76
CA ASN A 15 2.95 -9.01 2.05
C ASN A 15 2.76 -8.84 0.54
N ARG A 16 1.58 -8.36 0.15
CA ARG A 16 1.28 -8.16 -1.26
C ARG A 16 1.69 -6.77 -1.73
N PRO A 17 2.40 -6.67 -2.87
CA PRO A 17 2.86 -5.40 -3.42
C PRO A 17 1.78 -4.70 -4.25
N CYS A 18 1.43 -3.49 -3.85
CA CYS A 18 0.41 -2.72 -4.56
C CYS A 18 1.06 -1.72 -5.51
N ARG A 19 0.22 -1.06 -6.31
CA ARG A 19 0.71 -0.09 -7.28
C ARG A 19 0.54 1.34 -6.76
N ASP A 20 1.66 2.03 -6.57
CA ASP A 20 1.65 3.41 -6.08
C ASP A 20 1.54 4.40 -7.22
N THR A 21 0.72 5.42 -7.05
CA THR A 21 0.53 6.44 -8.07
C THR A 21 1.08 7.78 -7.62
N GLY A 22 1.02 8.04 -6.31
CA GLY A 22 1.52 9.29 -5.77
C GLY A 22 2.24 9.10 -4.45
N PHE A 23 2.03 10.04 -3.53
CA PHE A 23 2.66 9.98 -2.21
C PHE A 23 1.79 9.23 -1.22
N SME A 24 2.22 8.02 -0.86
CA SME A 24 1.47 7.19 0.08
CB SME A 24 1.33 7.91 1.43
CG SME A 24 2.67 8.21 2.09
S SME A 24 2.48 9.06 3.67
OE SME A 24 1.87 10.33 3.47
CE SME A 24 4.16 9.21 4.27
C SME A 24 0.09 6.85 -0.47
O SME A 24 -0.93 7.31 0.04
H SME A 24 3.05 7.68 -1.23
HA SME A 24 2.02 6.27 0.23
HB2 SME A 24 0.82 8.84 1.27
HB3 SME A 24 0.76 7.28 2.09
HG2 SME A 24 3.19 7.28 2.26
HG3 SME A 24 3.25 8.84 1.43
HE1 SME A 24 4.16 9.71 5.22
HE2 SME A 24 4.75 9.77 3.56
HE3 SME A 24 4.58 8.21 4.38
N SER A 25 0.07 6.02 -1.51
CA SER A 25 -1.19 5.61 -2.13
C SER A 25 -1.04 4.22 -2.74
N CYS A 26 -0.81 3.24 -1.88
CA CYS A 26 -0.63 1.87 -2.32
C CYS A 26 -1.94 1.08 -2.23
N ASP A 27 -2.51 0.77 -3.39
CA ASP A 27 -3.77 0.03 -3.45
C ASP A 27 -3.66 -1.17 -4.39
N CYS A 28 -3.93 -2.35 -3.87
CA CYS A 28 -3.87 -3.57 -4.67
C CYS A 28 -5.23 -3.87 -5.31
N PHE A 1 -5.61 6.67 2.42
CA PHE A 1 -4.71 5.84 3.27
C PHE A 1 -3.27 5.92 2.77
N PHE A 2 -2.35 6.20 3.69
CA PHE A 2 -0.94 6.30 3.36
C PHE A 2 -0.25 4.94 3.49
N CYS A 3 0.52 4.57 2.48
CA CYS A 3 1.24 3.30 2.49
C CYS A 3 2.74 3.50 2.73
N PRO A 4 3.31 2.83 3.75
CA PRO A 4 4.72 2.95 4.07
C PRO A 4 5.58 2.03 3.20
N PHE A 5 4.96 0.97 2.69
CA PHE A 5 5.67 0.02 1.83
C PHE A 5 4.71 -0.61 0.83
N GLY A 6 3.61 -1.17 1.35
CA GLY A 6 2.62 -1.79 0.49
C GLY A 6 1.21 -1.63 1.04
N CYS A 7 0.43 -2.70 1.00
CA CYS A 7 -0.95 -2.65 1.50
C CYS A 7 -1.01 -3.01 2.98
N ALA A 8 0.12 -2.88 3.68
CA ALA A 8 0.20 -3.21 5.10
C ALA A 8 -0.94 -2.58 5.90
N LEU A 9 -1.06 -1.26 5.81
CA LEU A 9 -2.11 -0.55 6.55
C LEU A 9 -3.38 -0.39 5.73
N VAL A 10 -3.55 -1.23 4.71
CA VAL A 10 -4.73 -1.18 3.87
C VAL A 10 -5.40 -2.55 3.76
N ASP A 11 -4.77 -3.47 3.05
CA ASP A 11 -5.30 -4.82 2.87
C ASP A 11 -4.15 -5.80 2.69
N CYS A 12 -4.47 -7.03 2.26
CA CYS A 12 -3.46 -8.08 2.02
C CYS A 12 -2.33 -8.02 3.04
N GLY A 13 -2.63 -7.60 4.27
CA GLY A 13 -1.62 -7.52 5.30
C GLY A 13 -0.34 -6.84 4.83
N PRO A 14 0.70 -6.80 5.67
CA PRO A 14 1.97 -6.18 5.32
C PRO A 14 2.94 -7.17 4.66
N ASN A 15 2.59 -7.62 3.45
CA ASN A 15 3.43 -8.56 2.72
C ASN A 15 3.30 -8.38 1.21
N ARG A 16 2.07 -8.18 0.74
CA ARG A 16 1.83 -8.02 -0.69
C ARG A 16 1.92 -6.56 -1.10
N PRO A 17 2.67 -6.25 -2.18
CA PRO A 17 2.83 -4.89 -2.68
C PRO A 17 1.70 -4.47 -3.62
N CYS A 18 1.53 -3.16 -3.78
CA CYS A 18 0.49 -2.62 -4.65
C CYS A 18 1.06 -1.54 -5.57
N ARG A 19 0.21 -1.03 -6.45
CA ARG A 19 0.62 0.01 -7.38
C ARG A 19 0.40 1.40 -6.79
N ASP A 20 1.47 2.18 -6.71
CA ASP A 20 1.39 3.53 -6.16
C ASP A 20 1.22 4.56 -7.28
N THR A 21 0.47 5.61 -6.99
CA THR A 21 0.22 6.65 -7.98
C THR A 21 0.78 7.99 -7.51
N GLY A 22 0.66 8.26 -6.21
CA GLY A 22 1.16 9.50 -5.66
C GLY A 22 2.00 9.28 -4.41
N PHE A 23 1.83 10.16 -3.43
CA PHE A 23 2.58 10.06 -2.18
C PHE A 23 1.84 9.19 -1.17
N SME A 24 2.33 7.97 -0.96
CA SME A 24 1.71 7.05 -0.02
CB SME A 24 1.74 7.64 1.39
CG SME A 24 3.15 7.85 1.93
S SME A 24 3.15 8.56 3.59
OE SME A 24 2.61 9.88 3.56
CE SME A 24 4.89 8.56 4.01
C SME A 24 0.26 6.74 -0.43
O SME A 24 -0.68 7.19 0.21
H SME A 24 3.12 7.69 -1.45
HA SME A 24 2.28 6.13 -0.03
HB2 SME A 24 1.23 8.59 1.38
HB3 SME A 24 1.22 6.98 2.07
HG2 SME A 24 3.65 6.89 1.95
HG3 SME A 24 3.67 8.52 1.26
HE1 SME A 24 5.44 9.16 3.30
HE2 SME A 24 5.27 7.55 4.00
HE3 SME A 24 5.02 8.98 5.01
N SER A 25 0.12 5.97 -1.51
CA SER A 25 -1.19 5.59 -2.01
C SER A 25 -1.11 4.23 -2.70
N CYS A 26 -0.81 3.21 -1.92
CA CYS A 26 -0.67 1.85 -2.45
C CYS A 26 -2.01 1.11 -2.44
N ASP A 27 -2.47 0.74 -3.62
CA ASP A 27 -3.73 0.01 -3.76
C ASP A 27 -3.64 -1.03 -4.88
N CYS A 28 -3.97 -2.26 -4.56
CA CYS A 28 -3.92 -3.35 -5.54
C CYS A 28 -5.26 -3.48 -6.27
N PHE A 1 -5.74 6.83 1.72
CA PHE A 1 -4.87 6.36 2.82
C PHE A 1 -3.41 6.34 2.38
N PHE A 2 -2.53 6.81 3.26
CA PHE A 2 -1.10 6.86 2.97
C PHE A 2 -0.41 5.57 3.40
N CYS A 3 0.38 4.99 2.49
CA CYS A 3 1.10 3.75 2.78
C CYS A 3 2.58 4.02 3.02
N PRO A 4 3.08 3.72 4.23
CA PRO A 4 4.49 3.94 4.57
C PRO A 4 5.40 2.86 4.00
N PHE A 5 4.85 1.67 3.81
CA PHE A 5 5.61 0.56 3.26
C PHE A 5 4.82 -0.15 2.17
N GLY A 6 3.68 -0.72 2.56
CA GLY A 6 2.83 -1.42 1.62
C GLY A 6 1.38 -1.44 2.05
N CYS A 7 0.70 -2.54 1.78
CA CYS A 7 -0.71 -2.67 2.17
C CYS A 7 -0.83 -3.27 3.56
N ALA A 8 0.01 -2.81 4.47
CA ALA A 8 0.01 -3.29 5.86
C ALA A 8 -1.39 -3.25 6.45
N LEU A 9 -1.87 -2.05 6.76
CA LEU A 9 -3.20 -1.88 7.33
C LEU A 9 -4.22 -1.54 6.24
N VAL A 10 -3.96 -2.02 5.02
CA VAL A 10 -4.86 -1.75 3.91
C VAL A 10 -5.70 -2.99 3.57
N ASP A 11 -5.17 -3.89 2.74
CA ASP A 11 -5.93 -5.08 2.36
C ASP A 11 -5.04 -6.27 2.04
N CYS A 12 -3.94 -6.43 2.76
CA CYS A 12 -3.04 -7.57 2.53
C CYS A 12 -1.72 -7.47 3.31
N GLY A 13 -1.75 -6.80 4.45
CA GLY A 13 -0.54 -6.67 5.26
C GLY A 13 0.68 -6.23 4.47
N PRO A 14 1.82 -6.01 5.14
CA PRO A 14 3.05 -5.59 4.48
C PRO A 14 3.81 -6.76 3.84
N ASN A 15 3.20 -7.36 2.81
CA ASN A 15 3.81 -8.49 2.13
C ASN A 15 3.40 -8.54 0.65
N ARG A 16 2.16 -8.18 0.37
CA ARG A 16 1.64 -8.20 -1.00
C ARG A 16 1.88 -6.86 -1.69
N PRO A 17 2.27 -6.88 -2.97
CA PRO A 17 2.53 -5.65 -3.74
C PRO A 17 1.24 -5.00 -4.23
N CYS A 18 1.32 -3.69 -4.48
CA CYS A 18 0.16 -2.94 -4.95
C CYS A 18 0.59 -1.84 -5.91
N ARG A 19 -0.39 -1.20 -6.55
CA ARG A 19 -0.10 -0.12 -7.50
C ARG A 19 -0.08 1.23 -6.79
N ASP A 20 0.90 2.06 -7.13
CA ASP A 20 1.03 3.37 -6.52
C ASP A 20 0.86 4.47 -7.57
N THR A 21 0.28 5.60 -7.15
CA THR A 21 0.04 6.72 -8.05
C THR A 21 0.96 7.88 -7.71
N GLY A 22 1.36 7.98 -6.45
CA GLY A 22 2.24 9.04 -6.02
C GLY A 22 2.94 8.74 -4.71
N PHE A 23 2.91 9.70 -3.78
CA PHE A 23 3.55 9.53 -2.48
C PHE A 23 2.57 8.91 -1.47
N SME A 24 2.85 7.69 -1.04
CA SME A 24 2.00 7.00 -0.08
CB SME A 24 1.97 7.76 1.23
CG SME A 24 3.34 8.01 1.83
S SME A 24 3.27 8.90 3.41
OE SME A 24 2.62 8.10 4.39
CE SME A 24 2.34 10.37 3.01
C SME A 24 0.59 6.83 -0.64
O SME A 24 -0.35 7.47 -0.18
H SME A 24 3.66 7.24 -1.38
HA SME A 24 2.42 6.01 0.09
HB2 SME A 24 1.48 8.71 1.08
HB3 SME A 24 1.39 7.19 1.95
HG2 SME A 24 3.83 7.08 1.99
HG3 SME A 24 3.91 8.61 1.13
HE1 SME A 24 2.24 10.98 3.90
HE2 SME A 24 1.36 10.10 2.65
HE3 SME A 24 2.86 10.94 2.25
N SER A 25 0.46 5.96 -1.63
CA SER A 25 -0.82 5.69 -2.27
C SER A 25 -0.86 4.28 -2.80
N CYS A 26 -0.81 3.31 -1.88
CA CYS A 26 -0.81 1.91 -2.25
C CYS A 26 -2.23 1.36 -2.35
N ASP A 27 -2.61 0.94 -3.55
CA ASP A 27 -3.93 0.39 -3.79
C ASP A 27 -3.86 -0.82 -4.72
N CYS A 28 -4.16 -1.99 -4.16
CA CYS A 28 -4.13 -3.23 -4.93
C CYS A 28 -5.50 -3.89 -4.97
N PHE A 1 -5.83 6.82 2.20
CA PHE A 1 -4.89 6.23 3.19
C PHE A 1 -3.47 6.20 2.65
N PHE A 2 -2.52 6.65 3.45
CA PHE A 2 -1.12 6.68 3.05
C PHE A 2 -0.41 5.38 3.44
N CYS A 3 0.41 4.88 2.53
CA CYS A 3 1.15 3.64 2.78
C CYS A 3 2.62 3.93 3.09
N PRO A 4 3.06 3.71 4.34
CA PRO A 4 4.45 3.95 4.74
C PRO A 4 5.41 2.95 4.12
N PHE A 5 4.97 1.70 4.02
CA PHE A 5 5.79 0.64 3.44
C PHE A 5 5.05 -0.03 2.28
N GLY A 6 3.90 -0.62 2.59
CA GLY A 6 3.09 -1.28 1.59
C GLY A 6 1.62 -1.26 1.93
N CYS A 7 0.92 -2.34 1.61
CA CYS A 7 -0.51 -2.42 1.89
C CYS A 7 -0.74 -3.04 3.28
N ALA A 8 0.08 -2.63 4.24
CA ALA A 8 -0.02 -3.13 5.61
C ALA A 8 -1.44 -3.08 6.14
N LEU A 9 -1.89 -1.89 6.51
CA LEU A 9 -3.24 -1.70 7.04
C LEU A 9 -4.23 -1.34 5.94
N VAL A 10 -4.04 -1.91 4.76
CA VAL A 10 -4.93 -1.63 3.64
C VAL A 10 -5.86 -2.82 3.35
N ASP A 11 -5.41 -3.77 2.54
CA ASP A 11 -6.23 -4.94 2.22
C ASP A 11 -5.38 -6.16 1.93
N CYS A 12 -4.29 -6.34 2.66
CA CYS A 12 -3.42 -7.48 2.44
C CYS A 12 -2.30 -7.56 3.47
N GLY A 13 -1.66 -6.43 3.75
CA GLY A 13 -0.57 -6.42 4.72
C GLY A 13 0.77 -6.03 4.10
N PRO A 14 1.82 -5.90 4.91
CA PRO A 14 3.15 -5.52 4.43
C PRO A 14 3.87 -6.67 3.74
N ASN A 15 3.23 -7.25 2.73
CA ASN A 15 3.82 -8.36 1.98
C ASN A 15 3.33 -8.38 0.53
N ARG A 16 2.10 -7.94 0.30
CA ARG A 16 1.54 -7.92 -1.05
C ARG A 16 1.84 -6.60 -1.74
N PRO A 17 2.32 -6.64 -3.00
CA PRO A 17 2.65 -5.44 -3.76
C PRO A 17 1.43 -4.83 -4.45
N CYS A 18 1.29 -3.51 -4.33
CA CYS A 18 0.17 -2.80 -4.93
C CYS A 18 0.66 -1.73 -5.90
N ARG A 19 -0.29 -1.08 -6.57
CA ARG A 19 0.04 -0.04 -7.54
C ARG A 19 0.11 1.33 -6.86
N ASP A 20 1.26 1.99 -6.98
CA ASP A 20 1.46 3.30 -6.38
C ASP A 20 1.13 4.41 -7.37
N THR A 21 0.23 5.31 -6.97
CA THR A 21 -0.17 6.42 -7.82
C THR A 21 0.73 7.64 -7.61
N GLY A 22 1.24 7.76 -6.38
CA GLY A 22 2.11 8.88 -6.07
C GLY A 22 2.84 8.69 -4.75
N PHE A 23 2.71 9.66 -3.86
CA PHE A 23 3.37 9.58 -2.55
C PHE A 23 2.46 8.90 -1.52
N SME A 24 2.82 7.68 -1.15
CA SME A 24 2.03 6.92 -0.19
CB SME A 24 1.96 7.67 1.14
CG SME A 24 3.33 8.07 1.69
S SME A 24 3.22 8.95 3.26
OE SME A 24 2.67 8.10 4.26
CE SME A 24 2.17 10.34 2.88
C SME A 24 0.63 6.65 -0.72
O SME A 24 -0.34 7.26 -0.28
H SME A 24 3.62 7.27 -1.54
HA SME A 24 2.53 5.98 -0.03
HB2 SME A 24 1.38 8.57 1.01
HB3 SME A 24 1.48 7.04 1.88
HG2 SME A 24 3.92 7.17 1.83
HG3 SME A 24 3.82 8.70 0.96
HE1 SME A 24 1.20 9.98 2.54
HE2 SME A 24 2.62 10.93 2.10
HE3 SME A 24 2.05 10.95 3.76
N SER A 25 0.53 5.73 -1.67
CA SER A 25 -0.75 5.37 -2.28
C SER A 25 -0.71 3.92 -2.73
N CYS A 26 -0.65 3.02 -1.77
CA CYS A 26 -0.59 1.59 -2.07
C CYS A 26 -1.96 0.94 -1.95
N ASP A 27 -2.53 0.57 -3.09
CA ASP A 27 -3.85 -0.06 -3.11
C ASP A 27 -3.93 -1.13 -4.20
N CYS A 28 -4.18 -2.37 -3.79
CA CYS A 28 -4.28 -3.48 -4.74
C CYS A 28 -5.72 -3.64 -5.23
N PHE A 1 -6.14 6.45 2.85
CA PHE A 1 -5.15 5.71 3.68
C PHE A 1 -3.77 5.75 3.02
N PHE A 2 -2.76 6.10 3.81
CA PHE A 2 -1.40 6.16 3.32
C PHE A 2 -0.68 4.82 3.48
N CYS A 3 0.30 4.56 2.62
CA CYS A 3 1.06 3.32 2.67
C CYS A 3 2.52 3.57 2.37
N PRO A 4 3.44 2.83 3.03
CA PRO A 4 4.88 2.98 2.84
C PRO A 4 5.37 2.32 1.54
N PHE A 5 4.93 1.08 1.33
CA PHE A 5 5.32 0.33 0.14
C PHE A 5 4.22 -0.64 -0.26
N GLY A 6 3.74 -1.40 0.72
CA GLY A 6 2.68 -2.36 0.47
C GLY A 6 1.37 -1.92 1.09
N CYS A 7 0.76 -2.80 1.87
CA CYS A 7 -0.51 -2.47 2.53
C CYS A 7 -0.26 -1.86 3.90
N ALA A 8 0.05 -2.71 4.87
CA ALA A 8 0.30 -2.26 6.23
C ALA A 8 -0.99 -1.76 6.88
N LEU A 9 -1.85 -2.70 7.27
CA LEU A 9 -3.13 -2.37 7.88
C LEU A 9 -4.07 -1.74 6.87
N VAL A 10 -3.92 -2.12 5.60
CA VAL A 10 -4.77 -1.60 4.53
C VAL A 10 -5.73 -2.66 4.01
N ASP A 11 -5.23 -3.54 3.14
CA ASP A 11 -6.08 -4.59 2.57
C ASP A 11 -5.27 -5.84 2.25
N CYS A 12 -4.27 -6.12 3.05
CA CYS A 12 -3.42 -7.30 2.84
C CYS A 12 -2.27 -7.36 3.84
N GLY A 13 -1.88 -6.20 4.36
CA GLY A 13 -0.78 -6.15 5.30
C GLY A 13 0.57 -6.16 4.59
N PRO A 14 1.68 -6.19 5.33
CA PRO A 14 3.02 -6.21 4.72
C PRO A 14 3.31 -7.53 4.03
N ASN A 15 2.50 -7.85 3.01
CA ASN A 15 2.67 -9.10 2.27
C ASN A 15 2.55 -8.86 0.76
N ARG A 16 1.35 -8.47 0.33
CA ARG A 16 1.10 -8.19 -1.08
C ARG A 16 1.39 -6.73 -1.42
N PRO A 17 2.50 -6.46 -2.13
CA PRO A 17 2.88 -5.10 -2.51
C PRO A 17 1.97 -4.51 -3.58
N CYS A 18 1.63 -3.24 -3.43
CA CYS A 18 0.78 -2.55 -4.39
C CYS A 18 1.56 -1.48 -5.15
N ARG A 19 0.96 -0.94 -6.21
CA ARG A 19 1.62 0.07 -7.01
C ARG A 19 1.19 1.47 -6.55
N ASP A 20 2.17 2.32 -6.26
CA ASP A 20 1.89 3.68 -5.80
C ASP A 20 1.79 4.64 -6.98
N THR A 21 0.81 5.53 -6.93
CA THR A 21 0.60 6.51 -7.99
C THR A 21 0.96 7.91 -7.51
N GLY A 22 0.88 8.13 -6.21
CA GLY A 22 1.21 9.43 -5.65
C GLY A 22 2.03 9.33 -4.38
N PHE A 23 1.71 10.18 -3.40
CA PHE A 23 2.43 10.18 -2.13
C PHE A 23 1.77 9.24 -1.13
N SME A 24 2.38 8.07 -0.93
CA SME A 24 1.85 7.09 0.00
CB SME A 24 1.86 7.65 1.43
CG SME A 24 3.22 8.17 1.85
S SME A 24 3.25 8.70 3.58
OE SME A 24 4.51 9.31 3.88
CE SME A 24 3.01 7.17 4.48
C SME A 24 0.43 6.68 -0.39
O SME A 24 -0.55 7.14 0.21
H SME A 24 3.19 7.87 -1.43
HA SME A 24 2.49 6.21 -0.04
HB2 SME A 24 1.14 8.44 1.50
HB3 SME A 24 1.58 6.86 2.12
HG2 SME A 24 3.95 7.41 1.71
HG3 SME A 24 3.47 9.03 1.23
HE1 SME A 24 3.84 6.49 4.27
HE2 SME A 24 2.08 6.72 4.17
HE3 SME A 24 2.99 7.38 5.54
N SER A 25 0.33 5.81 -1.39
CA SER A 25 -0.97 5.34 -1.87
C SER A 25 -0.84 3.93 -2.44
N CYS A 26 -1.15 2.94 -1.61
CA CYS A 26 -1.05 1.55 -2.02
C CYS A 26 -2.39 1.04 -2.55
N ASP A 27 -2.40 0.65 -3.82
CA ASP A 27 -3.60 0.14 -4.47
C ASP A 27 -3.27 -1.04 -5.38
N CYS A 28 -3.65 -2.23 -4.94
CA CYS A 28 -3.41 -3.44 -5.73
C CYS A 28 -4.57 -3.72 -6.67
N PHE A 1 -6.45 6.15 1.86
CA PHE A 1 -5.53 5.52 2.84
C PHE A 1 -4.07 5.64 2.39
N PHE A 2 -3.21 6.04 3.31
CA PHE A 2 -1.79 6.20 3.01
C PHE A 2 -1.02 4.92 3.27
N CYS A 3 0.01 4.66 2.45
CA CYS A 3 0.82 3.46 2.61
C CYS A 3 2.29 3.82 2.85
N PRO A 4 2.86 3.37 3.99
CA PRO A 4 4.25 3.64 4.35
C PRO A 4 5.22 2.63 3.74
N PHE A 5 4.89 1.35 3.87
CA PHE A 5 5.73 0.29 3.34
C PHE A 5 4.99 -0.50 2.27
N GLY A 6 3.66 -0.47 2.32
CA GLY A 6 2.86 -1.18 1.35
C GLY A 6 1.45 -1.44 1.83
N CYS A 7 1.03 -2.70 1.75
CA CYS A 7 -0.31 -3.10 2.18
C CYS A 7 -0.31 -3.50 3.66
N ALA A 8 0.70 -3.04 4.41
CA ALA A 8 0.81 -3.35 5.83
C ALA A 8 -0.50 -3.06 6.57
N LEU A 9 -0.70 -1.81 6.94
CA LEU A 9 -1.92 -1.42 7.64
C LEU A 9 -2.94 -0.88 6.65
N VAL A 10 -3.09 -1.56 5.52
CA VAL A 10 -4.02 -1.15 4.49
C VAL A 10 -5.21 -2.09 4.39
N ASP A 11 -5.07 -3.19 3.64
CA ASP A 11 -6.17 -4.13 3.49
C ASP A 11 -5.69 -5.56 3.26
N CYS A 12 -4.61 -5.95 3.93
CA CYS A 12 -4.09 -7.31 3.77
C CYS A 12 -2.82 -7.54 4.60
N GLY A 13 -1.94 -6.54 4.63
CA GLY A 13 -0.70 -6.66 5.36
C GLY A 13 0.49 -6.36 4.46
N PRO A 14 1.72 -6.34 5.01
CA PRO A 14 2.92 -6.05 4.23
C PRO A 14 3.40 -7.26 3.44
N ASN A 15 2.61 -7.67 2.46
CA ASN A 15 2.96 -8.82 1.63
C ASN A 15 2.48 -8.65 0.18
N ARG A 16 1.35 -7.95 -0.01
CA ARG A 16 0.82 -7.73 -1.35
C ARG A 16 1.38 -6.46 -1.97
N PRO A 17 2.08 -6.58 -3.11
CA PRO A 17 2.67 -5.43 -3.80
C PRO A 17 1.65 -4.69 -4.66
N CYS A 18 1.50 -3.39 -4.40
CA CYS A 18 0.56 -2.56 -5.16
C CYS A 18 1.29 -1.54 -6.01
N ARG A 19 0.54 -0.82 -6.83
CA ARG A 19 1.11 0.20 -7.70
C ARG A 19 0.96 1.59 -7.08
N ASP A 20 2.07 2.30 -6.98
CA ASP A 20 2.07 3.65 -6.41
C ASP A 20 1.82 4.70 -7.48
N THR A 21 0.80 5.53 -7.27
CA THR A 21 0.46 6.58 -8.23
C THR A 21 0.95 7.94 -7.73
N GLY A 22 0.99 8.11 -6.41
CA GLY A 22 1.44 9.35 -5.83
C GLY A 22 2.18 9.15 -4.53
N PHE A 23 1.96 10.06 -3.57
CA PHE A 23 2.61 9.97 -2.27
C PHE A 23 1.77 9.16 -1.29
N SME A 24 2.26 7.99 -0.92
CA SME A 24 1.55 7.12 0.00
CB SME A 24 1.33 7.83 1.34
CG SME A 24 2.58 8.53 1.87
S SME A 24 3.93 7.38 2.21
OE SME A 24 3.57 6.51 3.28
CE SME A 24 5.28 8.47 2.65
C SME A 24 0.21 6.67 -0.58
O SME A 24 -0.85 7.07 -0.09
H SME A 24 3.12 7.69 -1.29
HA SME A 24 2.16 6.23 0.17
HB2 SME A 24 0.56 8.57 1.21
HB3 SME A 24 1.02 7.11 2.07
HG2 SME A 24 2.91 9.24 1.12
HG3 SME A 24 2.33 9.05 2.77
HE1 SME A 24 5.02 9.05 3.51
HE2 SME A 24 5.50 9.13 1.82
HE3 SME A 24 6.16 7.87 2.88
N SER A 25 0.26 5.85 -1.62
CA SER A 25 -0.94 5.36 -2.27
C SER A 25 -0.68 3.99 -2.87
N CYS A 26 -0.99 2.95 -2.10
CA CYS A 26 -0.78 1.58 -2.57
C CYS A 26 -2.11 0.87 -2.80
N ASP A 27 -2.49 0.76 -4.06
CA ASP A 27 -3.74 0.10 -4.43
C ASP A 27 -3.48 -1.06 -5.38
N CYS A 28 -3.79 -2.27 -4.92
CA CYS A 28 -3.61 -3.47 -5.72
C CYS A 28 -4.86 -3.78 -6.54
N PHE A 1 -5.85 6.88 2.41
CA PHE A 1 -4.92 6.24 3.37
C PHE A 1 -3.50 6.22 2.81
N PHE A 2 -2.54 6.61 3.65
CA PHE A 2 -1.14 6.64 3.25
C PHE A 2 -0.47 5.29 3.51
N CYS A 3 0.31 4.82 2.53
CA CYS A 3 1.00 3.55 2.65
C CYS A 3 2.46 3.77 3.05
N PRO A 4 2.92 3.08 4.12
CA PRO A 4 4.31 3.20 4.59
C PRO A 4 5.26 2.26 3.85
N PHE A 5 4.69 1.22 3.24
CA PHE A 5 5.49 0.25 2.49
C PHE A 5 4.72 -0.26 1.28
N GLY A 6 3.47 -0.64 1.50
CA GLY A 6 2.64 -1.15 0.43
C GLY A 6 1.27 -1.57 0.91
N CYS A 7 1.05 -2.87 1.03
CA CYS A 7 -0.22 -3.40 1.50
C CYS A 7 -0.24 -3.55 3.02
N ALA A 8 0.73 -2.93 3.69
CA ALA A 8 0.83 -2.99 5.15
C ALA A 8 -0.50 -2.62 5.81
N LEU A 9 -1.01 -1.45 5.46
CA LEU A 9 -2.26 -0.97 6.03
C LEU A 9 -3.29 -0.74 4.92
N VAL A 10 -3.25 -1.60 3.90
CA VAL A 10 -4.18 -1.49 2.78
C VAL A 10 -5.33 -2.51 2.91
N ASP A 11 -5.11 -3.73 2.42
CA ASP A 11 -6.15 -4.75 2.48
C ASP A 11 -5.55 -6.16 2.55
N CYS A 12 -4.47 -6.31 3.32
CA CYS A 12 -3.84 -7.61 3.45
C CYS A 12 -2.68 -7.58 4.44
N GLY A 13 -1.92 -6.49 4.40
CA GLY A 13 -0.78 -6.34 5.28
C GLY A 13 0.52 -6.24 4.51
N PRO A 14 1.68 -6.22 5.19
CA PRO A 14 2.99 -6.13 4.54
C PRO A 14 3.40 -7.45 3.89
N ASN A 15 2.66 -7.84 2.85
CA ASN A 15 2.95 -9.08 2.14
C ASN A 15 2.78 -8.90 0.63
N ARG A 16 1.59 -8.44 0.22
CA ARG A 16 1.30 -8.23 -1.19
C ARG A 16 1.69 -6.81 -1.62
N PRO A 17 2.46 -6.67 -2.71
CA PRO A 17 2.89 -5.38 -3.22
C PRO A 17 1.82 -4.70 -4.07
N CYS A 18 1.50 -3.45 -3.73
CA CYS A 18 0.49 -2.69 -4.47
C CYS A 18 1.15 -1.66 -5.38
N ARG A 19 0.34 -1.02 -6.22
CA ARG A 19 0.85 -0.02 -7.14
C ARG A 19 0.61 1.39 -6.60
N ASP A 20 1.67 2.20 -6.58
CA ASP A 20 1.58 3.57 -6.08
C ASP A 20 1.44 4.56 -7.24
N THR A 21 0.64 5.59 -7.03
CA THR A 21 0.41 6.59 -8.06
C THR A 21 0.94 7.96 -7.62
N GLY A 22 0.82 8.25 -6.34
CA GLY A 22 1.30 9.53 -5.83
C GLY A 22 2.07 9.38 -4.52
N PHE A 23 1.81 10.27 -3.57
CA PHE A 23 2.49 10.23 -2.28
C PHE A 23 1.72 9.36 -1.28
N SME A 24 2.23 8.16 -1.04
CA SME A 24 1.60 7.24 -0.11
CB SME A 24 1.55 7.84 1.30
CG SME A 24 2.87 7.80 2.04
S SME A 24 4.18 8.73 1.21
OE SME A 24 4.55 8.09 -0.01
CE SME A 24 5.51 8.74 2.39
C SME A 24 0.19 6.88 -0.57
O SME A 24 -0.80 7.38 -0.03
H SME A 24 3.05 7.89 -1.49
HA SME A 24 2.19 6.33 -0.09
HB2 SME A 24 1.24 8.87 1.23
HB3 SME A 24 0.83 7.29 1.88
HG2 SME A 24 2.74 8.21 3.02
HG3 SME A 24 3.19 6.77 2.12
HE1 SME A 24 5.17 9.20 3.31
HE2 SME A 24 6.35 9.29 1.99
HE3 SME A 24 5.82 7.73 2.60
N SER A 25 0.10 6.02 -1.58
CA SER A 25 -1.18 5.60 -2.13
C SER A 25 -1.07 4.19 -2.68
N CYS A 26 -0.76 3.24 -1.81
CA CYS A 26 -0.61 1.85 -2.21
C CYS A 26 -1.93 1.09 -2.09
N ASP A 27 -2.47 0.67 -3.22
CA ASP A 27 -3.73 -0.06 -3.24
C ASP A 27 -3.69 -1.20 -4.24
N CYS A 28 -3.91 -2.42 -3.76
CA CYS A 28 -3.91 -3.60 -4.61
C CYS A 28 -5.29 -3.88 -5.18
N PHE A 1 -6.63 5.38 3.26
CA PHE A 1 -5.50 4.60 3.84
C PHE A 1 -4.17 4.99 3.19
N PHE A 2 -3.18 5.26 4.04
CA PHE A 2 -1.86 5.65 3.56
C PHE A 2 -0.97 4.43 3.35
N CYS A 3 -0.01 4.56 2.44
CA CYS A 3 0.92 3.46 2.14
C CYS A 3 2.34 3.84 2.50
N PRO A 4 2.85 3.35 3.65
CA PRO A 4 4.21 3.65 4.10
C PRO A 4 5.25 2.77 3.41
N PHE A 5 4.80 1.63 2.89
CA PHE A 5 5.69 0.69 2.21
C PHE A 5 4.98 0.02 1.04
N GLY A 6 3.94 -0.76 1.36
CA GLY A 6 3.19 -1.45 0.33
C GLY A 6 1.75 -1.71 0.75
N CYS A 7 1.42 -2.97 0.99
CA CYS A 7 0.07 -3.35 1.40
C CYS A 7 -0.05 -3.34 2.92
N ALA A 8 0.95 -2.79 3.61
CA ALA A 8 0.95 -2.73 5.06
C ALA A 8 -0.22 -1.88 5.56
N LEU A 9 -1.10 -2.49 6.35
CA LEU A 9 -2.25 -1.80 6.89
C LEU A 9 -3.08 -1.15 5.78
N VAL A 10 -2.97 -1.70 4.57
CA VAL A 10 -3.69 -1.18 3.42
C VAL A 10 -4.93 -2.02 3.14
N ASP A 11 -4.73 -3.20 2.57
CA ASP A 11 -5.85 -4.09 2.25
C ASP A 11 -5.43 -5.56 2.33
N CYS A 12 -4.48 -5.84 3.21
CA CYS A 12 -3.99 -7.22 3.39
C CYS A 12 -2.86 -7.25 4.42
N GLY A 13 -2.02 -6.23 4.41
CA GLY A 13 -0.90 -6.17 5.33
C GLY A 13 0.43 -6.09 4.60
N PRO A 14 1.55 -5.96 5.33
CA PRO A 14 2.88 -5.88 4.72
C PRO A 14 3.36 -7.22 4.16
N ASN A 15 2.72 -7.66 3.07
CA ASN A 15 3.08 -8.92 2.43
C ASN A 15 2.90 -8.86 0.92
N ARG A 16 1.71 -8.45 0.48
CA ARG A 16 1.41 -8.37 -0.94
C ARG A 16 1.75 -6.99 -1.50
N PRO A 17 2.28 -6.92 -2.72
CA PRO A 17 2.65 -5.64 -3.35
C PRO A 17 1.43 -4.93 -3.93
N CYS A 18 1.56 -3.61 -4.11
CA CYS A 18 0.47 -2.80 -4.64
C CYS A 18 1.00 -1.77 -5.62
N ARG A 19 0.09 -1.08 -6.31
CA ARG A 19 0.48 -0.07 -7.29
C ARG A 19 0.59 1.30 -6.62
N ASP A 20 1.78 1.89 -6.69
CA ASP A 20 2.02 3.20 -6.10
C ASP A 20 1.74 4.31 -7.11
N THR A 21 0.66 5.05 -6.88
CA THR A 21 0.28 6.14 -7.75
C THR A 21 0.94 7.46 -7.31
N GLY A 22 1.18 7.57 -6.01
CA GLY A 22 1.80 8.78 -5.48
C GLY A 22 2.44 8.55 -4.12
N PHE A 23 2.38 9.55 -3.26
CA PHE A 23 2.95 9.45 -1.92
C PHE A 23 1.94 8.91 -0.92
N SME A 24 2.20 7.72 -0.40
CA SME A 24 1.30 7.10 0.56
CB SME A 24 1.16 7.98 1.80
CG SME A 24 2.47 8.21 2.53
S SME A 24 2.29 9.25 3.99
OE SME A 24 1.83 10.55 3.61
CE SME A 24 3.94 9.29 4.69
C SME A 24 -0.08 6.85 -0.05
O SME A 24 -1.10 7.21 0.52
H SME A 24 3.01 7.25 -0.67
HA SME A 24 1.73 6.15 0.85
HB2 SME A 24 0.77 8.94 1.51
HB3 SME A 24 0.48 7.50 2.49
HG2 SME A 24 2.88 7.25 2.85
HG3 SME A 24 3.17 8.68 1.86
HE1 SME A 24 4.25 8.30 4.93
HE2 SME A 24 3.93 9.91 5.58
HE3 SME A 24 4.61 9.72 3.96
N SER A 25 -0.09 6.23 -1.24
CA SER A 25 -1.33 5.95 -1.93
C SER A 25 -1.16 4.70 -2.79
N CYS A 26 -1.10 3.55 -2.13
CA CYS A 26 -0.92 2.28 -2.82
C CYS A 26 -2.27 1.67 -3.19
N ASP A 27 -2.47 1.48 -4.50
CA ASP A 27 -3.72 0.90 -5.00
C ASP A 27 -3.55 -0.61 -5.18
N CYS A 28 -4.10 -1.37 -4.25
CA CYS A 28 -4.01 -2.84 -4.30
C CYS A 28 -5.21 -3.42 -5.02
N PHE A 1 -5.41 5.50 1.04
CA PHE A 1 -4.83 6.34 2.13
C PHE A 1 -3.30 6.30 2.09
N PHE A 2 -2.68 7.14 2.90
CA PHE A 2 -1.22 7.20 2.97
C PHE A 2 -0.63 5.85 3.37
N CYS A 3 0.17 5.28 2.48
CA CYS A 3 0.80 3.98 2.73
C CYS A 3 2.25 4.16 3.16
N PRO A 4 2.61 3.69 4.37
CA PRO A 4 3.98 3.79 4.89
C PRO A 4 4.92 2.78 4.24
N PHE A 5 4.36 1.74 3.65
CA PHE A 5 5.15 0.71 3.00
C PHE A 5 4.52 0.29 1.67
N GLY A 6 3.36 -0.35 1.75
CA GLY A 6 2.68 -0.81 0.55
C GLY A 6 1.28 -1.33 0.84
N CYS A 7 1.17 -2.65 0.96
CA CYS A 7 -0.11 -3.30 1.24
C CYS A 7 -0.34 -3.43 2.75
N ALA A 8 0.49 -2.74 3.54
CA ALA A 8 0.37 -2.78 5.00
C ALA A 8 -0.98 -2.27 5.45
N LEU A 9 -1.75 -3.13 6.11
CA LEU A 9 -3.07 -2.77 6.60
C LEU A 9 -3.95 -2.23 5.47
N VAL A 10 -3.63 -2.61 4.24
CA VAL A 10 -4.40 -2.18 3.07
C VAL A 10 -5.40 -3.24 2.66
N ASP A 11 -4.92 -4.31 2.04
CA ASP A 11 -5.79 -5.39 1.60
C ASP A 11 -5.05 -6.73 1.60
N CYS A 12 -4.12 -6.87 2.53
CA CYS A 12 -3.36 -8.11 2.66
C CYS A 12 -2.32 -8.00 3.78
N GLY A 13 -1.72 -6.83 3.92
CA GLY A 13 -0.71 -6.62 4.95
C GLY A 13 0.59 -6.12 4.37
N PRO A 14 1.60 -5.86 5.22
CA PRO A 14 2.91 -5.37 4.76
C PRO A 14 3.76 -6.47 4.13
N ASN A 15 3.38 -6.90 2.94
CA ASN A 15 4.12 -7.95 2.24
C ASN A 15 4.01 -7.79 0.73
N ARG A 16 2.79 -7.68 0.23
CA ARG A 16 2.55 -7.55 -1.20
C ARG A 16 2.45 -6.07 -1.60
N PRO A 17 2.77 -5.76 -2.87
CA PRO A 17 2.72 -4.39 -3.38
C PRO A 17 1.34 -4.02 -3.93
N CYS A 18 1.04 -2.73 -3.94
CA CYS A 18 -0.25 -2.24 -4.43
C CYS A 18 -0.05 -1.30 -5.62
N ARG A 19 -1.16 -0.88 -6.21
CA ARG A 19 -1.11 0.01 -7.36
C ARG A 19 -1.14 1.47 -6.90
N ASP A 20 0.03 1.99 -6.55
CA ASP A 20 0.14 3.37 -6.07
C ASP A 20 0.77 4.26 -7.14
N THR A 21 0.28 5.49 -7.23
CA THR A 21 0.80 6.46 -8.19
C THR A 21 1.94 7.26 -7.57
N GLY A 22 1.93 7.34 -6.24
CA GLY A 22 2.96 8.07 -5.53
C GLY A 22 3.45 7.31 -4.31
N PHE A 23 4.26 7.95 -3.48
CA PHE A 23 4.78 7.31 -2.28
C PHE A 23 3.86 7.55 -1.08
N SME A 24 2.56 7.33 -1.28
CA SME A 24 1.58 7.52 -0.21
CB SME A 24 1.64 8.95 0.33
CG SME A 24 1.40 10.00 -0.74
S SME A 24 1.55 11.68 -0.08
OE SME A 24 1.31 12.63 -1.12
CE SME A 24 3.24 11.74 0.51
C SME A 24 0.16 7.21 -0.70
O SME A 24 -0.80 7.82 -0.24
H SME A 24 2.26 7.04 -2.16
HA SME A 24 1.83 6.82 0.58
HB2 SME A 24 0.89 9.06 1.09
HB3 SME A 24 2.62 9.11 0.77
HG2 SME A 24 2.14 9.87 -1.52
HG3 SME A 24 0.41 9.88 -1.13
HE1 SME A 24 3.91 11.58 -0.31
HE2 SME A 24 3.39 10.99 1.26
HE3 SME A 24 3.43 12.71 0.95
N SER A 25 0.03 6.27 -1.62
CA SER A 25 -1.28 5.90 -2.16
C SER A 25 -1.28 4.44 -2.60
N CYS A 26 -1.05 3.55 -1.65
CA CYS A 26 -1.01 2.12 -1.94
C CYS A 26 -2.36 1.47 -1.64
N ASP A 27 -3.03 1.02 -2.70
CA ASP A 27 -4.32 0.37 -2.57
C ASP A 27 -4.38 -0.92 -3.38
N CYS A 28 -4.41 -2.05 -2.71
CA CYS A 28 -4.47 -3.35 -3.39
C CYS A 28 -5.92 -3.78 -3.60
N PHE A 1 -6.55 6.34 1.84
CA PHE A 1 -5.61 5.84 2.88
C PHE A 1 -4.17 5.95 2.41
N PHE A 2 -3.30 6.45 3.29
CA PHE A 2 -1.89 6.62 2.97
C PHE A 2 -1.09 5.37 3.33
N CYS A 3 -0.26 4.92 2.40
CA CYS A 3 0.57 3.73 2.63
C CYS A 3 2.01 4.13 2.98
N PRO A 4 2.56 3.57 4.07
CA PRO A 4 3.92 3.87 4.50
C PRO A 4 4.96 2.98 3.81
N PHE A 5 4.53 1.83 3.32
CA PHE A 5 5.42 0.90 2.64
C PHE A 5 4.73 0.24 1.46
N GLY A 6 3.51 -0.25 1.69
CA GLY A 6 2.75 -0.91 0.64
C GLY A 6 1.39 -1.35 1.11
N CYS A 7 1.19 -2.66 1.19
CA CYS A 7 -0.09 -3.23 1.63
C CYS A 7 -0.11 -3.42 3.14
N ALA A 8 0.82 -2.77 3.85
CA ALA A 8 0.90 -2.89 5.30
C ALA A 8 -0.31 -2.26 5.97
N LEU A 9 -1.07 -3.08 6.69
CA LEU A 9 -2.27 -2.61 7.38
C LEU A 9 -3.22 -1.90 6.41
N VAL A 10 -3.12 -2.26 5.14
CA VAL A 10 -3.98 -1.66 4.11
C VAL A 10 -5.14 -2.58 3.75
N ASP A 11 -4.85 -3.66 3.03
CA ASP A 11 -5.88 -4.62 2.63
C ASP A 11 -5.31 -6.02 2.50
N CYS A 12 -4.30 -6.32 3.30
CA CYS A 12 -3.67 -7.63 3.27
C CYS A 12 -2.47 -7.70 4.22
N GLY A 13 -1.73 -6.59 4.30
CA GLY A 13 -0.55 -6.52 5.14
C GLY A 13 0.70 -6.32 4.31
N PRO A 14 1.86 -6.13 4.96
CA PRO A 14 3.13 -5.91 4.25
C PRO A 14 3.66 -7.19 3.62
N ASN A 15 2.92 -7.72 2.64
CA ASN A 15 3.32 -8.94 1.96
C ASN A 15 3.00 -8.89 0.46
N ARG A 16 1.78 -8.51 0.12
CA ARG A 16 1.36 -8.44 -1.28
C ARG A 16 1.64 -7.05 -1.87
N PRO A 17 2.41 -6.99 -2.98
CA PRO A 17 2.73 -5.72 -3.64
C PRO A 17 1.51 -5.08 -4.30
N CYS A 18 1.34 -3.78 -4.08
CA CYS A 18 0.21 -3.07 -4.66
C CYS A 18 0.69 -1.94 -5.58
N ARG A 19 -0.25 -1.29 -6.25
CA ARG A 19 0.09 -0.22 -7.18
C ARG A 19 0.12 1.13 -6.48
N ASP A 20 1.28 1.80 -6.55
CA ASP A 20 1.44 3.11 -5.92
C ASP A 20 1.24 4.22 -6.94
N THR A 21 0.64 5.32 -6.50
CA THR A 21 0.39 6.46 -7.37
C THR A 21 1.42 7.56 -7.16
N GLY A 22 1.99 7.62 -5.96
CA GLY A 22 2.99 8.62 -5.66
C GLY A 22 3.42 8.60 -4.21
N PHE A 23 3.08 9.65 -3.47
CA PHE A 23 3.44 9.74 -2.05
C PHE A 23 2.35 9.13 -1.18
N SME A 24 2.56 7.89 -0.76
CA SME A 24 1.61 7.19 0.08
CB SME A 24 1.42 7.92 1.40
CG SME A 24 2.71 8.09 2.19
S SME A 24 2.47 8.98 3.74
OE SME A 24 2.00 10.29 3.49
CE SME A 24 4.10 8.98 4.48
C SME A 24 0.26 7.05 -0.64
O SME A 24 -0.74 7.68 -0.25
H SME A 24 3.39 7.43 -1.03
HA SME A 24 1.99 6.20 0.27
HB2 SME A 24 1.01 8.90 1.20
HB3 SME A 24 0.72 7.37 2.01
HG2 SME A 24 3.11 7.12 2.41
HG3 SME A 24 3.41 8.65 1.58
HE1 SME A 24 4.79 9.49 3.83
HE2 SME A 24 4.43 7.95 4.62
HE3 SME A 24 4.06 9.47 5.43
N SER A 25 0.23 6.23 -1.68
CA SER A 25 -0.97 6.01 -2.46
C SER A 25 -0.97 4.61 -3.06
N CYS A 26 -0.94 3.61 -2.18
CA CYS A 26 -0.91 2.22 -2.60
C CYS A 26 -2.31 1.65 -2.77
N ASP A 27 -2.63 1.27 -4.00
CA ASP A 27 -3.95 0.71 -4.30
C ASP A 27 -3.80 -0.76 -4.71
N CYS A 28 -4.60 -1.62 -4.09
CA CYS A 28 -4.56 -3.05 -4.38
C CYS A 28 -5.86 -3.51 -5.04
N PHE A 1 -6.00 6.48 2.79
CA PHE A 1 -5.00 5.71 3.59
C PHE A 1 -3.63 5.78 2.95
N PHE A 2 -2.62 6.11 3.76
CA PHE A 2 -1.25 6.21 3.28
C PHE A 2 -0.52 4.88 3.41
N CYS A 3 0.41 4.63 2.49
CA CYS A 3 1.18 3.39 2.50
C CYS A 3 2.66 3.68 2.17
N PRO A 4 3.58 3.23 3.05
CA PRO A 4 5.01 3.45 2.84
C PRO A 4 5.65 2.45 1.88
N PHE A 5 5.21 1.20 1.95
CA PHE A 5 5.74 0.15 1.09
C PHE A 5 4.62 -0.60 0.38
N GLY A 6 3.87 -1.38 1.14
CA GLY A 6 2.77 -2.15 0.58
C GLY A 6 1.46 -1.88 1.27
N CYS A 7 0.59 -2.88 1.33
CA CYS A 7 -0.70 -2.74 1.97
C CYS A 7 -0.62 -3.11 3.46
N ALA A 8 0.46 -2.73 4.10
CA ALA A 8 0.65 -3.02 5.52
C ALA A 8 -0.50 -2.48 6.35
N LEU A 9 -1.32 -3.38 6.87
CA LEU A 9 -2.46 -3.00 7.68
C LEU A 9 -3.43 -2.14 6.86
N VAL A 10 -3.46 -2.39 5.56
CA VAL A 10 -4.33 -1.64 4.66
C VAL A 10 -5.46 -2.53 4.13
N ASP A 11 -5.11 -3.49 3.27
CA ASP A 11 -6.09 -4.39 2.70
C ASP A 11 -5.49 -5.75 2.38
N CYS A 12 -4.45 -6.11 3.11
CA CYS A 12 -3.78 -7.38 2.92
C CYS A 12 -2.45 -7.46 3.67
N GLY A 13 -2.44 -6.91 4.89
CA GLY A 13 -1.24 -6.91 5.71
C GLY A 13 0.00 -6.47 4.96
N PRO A 14 1.16 -6.45 5.65
CA PRO A 14 2.42 -6.04 5.04
C PRO A 14 3.10 -7.17 4.27
N ASN A 15 2.38 -7.72 3.29
CA ASN A 15 2.91 -8.82 2.49
C ASN A 15 2.73 -8.56 1.00
N ARG A 16 1.49 -8.25 0.60
CA ARG A 16 1.17 -7.99 -0.79
C ARG A 16 1.32 -6.50 -1.12
N PRO A 17 2.36 -6.13 -1.88
CA PRO A 17 2.62 -4.73 -2.25
C PRO A 17 1.71 -4.26 -3.38
N CYS A 18 1.49 -2.95 -3.44
CA CYS A 18 0.64 -2.36 -4.47
C CYS A 18 1.41 -1.33 -5.29
N ARG A 19 0.76 -0.80 -6.31
CA ARG A 19 1.38 0.21 -7.16
C ARG A 19 1.07 1.62 -6.67
N ASP A 20 2.12 2.41 -6.48
CA ASP A 20 1.96 3.78 -5.99
C ASP A 20 1.78 4.75 -7.16
N THR A 21 0.77 5.60 -7.05
CA THR A 21 0.49 6.59 -8.10
C THR A 21 0.76 8.01 -7.61
N GLY A 22 0.65 8.22 -6.31
CA GLY A 22 0.89 9.54 -5.74
C GLY A 22 1.76 9.49 -4.50
N PHE A 23 1.43 10.32 -3.51
CA PHE A 23 2.20 10.37 -2.27
C PHE A 23 1.65 9.38 -1.25
N SME A 24 2.30 8.22 -1.14
CA SME A 24 1.87 7.19 -0.20
CB SME A 24 1.92 7.72 1.22
CG SME A 24 3.26 8.34 1.60
S SME A 24 3.36 8.77 3.35
OE SME A 24 4.59 9.44 3.62
CE SME A 24 3.25 7.20 4.19
C SME A 24 0.46 6.71 -0.54
O SME A 24 -0.52 7.13 0.08
H SME A 24 3.07 8.06 -1.71
HA SME A 24 2.55 6.35 -0.29
HB2 SME A 24 1.16 8.47 1.35
HB3 SME A 24 1.72 6.90 1.91
HG2 SME A 24 4.04 7.62 1.38
HG3 SME A 24 3.41 9.23 1.01
HE1 SME A 24 2.35 6.69 3.87
HE2 SME A 24 3.21 7.36 5.25
HE3 SME A 24 4.11 6.60 3.93
N SER A 25 0.36 5.81 -1.51
CA SER A 25 -0.92 5.26 -1.94
C SER A 25 -0.74 3.85 -2.48
N CYS A 26 -1.19 2.87 -1.70
CA CYS A 26 -1.07 1.48 -2.10
C CYS A 26 -2.42 0.91 -2.54
N ASP A 27 -2.56 0.69 -3.84
CA ASP A 27 -3.79 0.16 -4.40
C ASP A 27 -3.50 -1.01 -5.34
N CYS A 28 -3.82 -2.22 -4.89
CA CYS A 28 -3.60 -3.42 -5.70
C CYS A 28 -4.81 -3.73 -6.55
N PHE A 1 -6.21 6.92 2.50
CA PHE A 1 -5.30 6.21 3.41
C PHE A 1 -3.86 6.25 2.90
N PHE A 2 -2.92 6.42 3.82
CA PHE A 2 -1.51 6.49 3.46
C PHE A 2 -0.86 5.09 3.50
N CYS A 3 0.04 4.84 2.57
CA CYS A 3 0.72 3.54 2.50
C CYS A 3 2.23 3.74 2.36
N PRO A 4 3.01 3.37 3.40
CA PRO A 4 4.46 3.52 3.40
C PRO A 4 5.18 2.32 2.76
N PHE A 5 4.53 1.15 2.78
CA PHE A 5 5.13 -0.05 2.21
C PHE A 5 4.12 -0.81 1.37
N GLY A 6 3.17 -0.10 0.78
CA GLY A 6 2.17 -0.74 -0.05
C GLY A 6 0.96 -1.20 0.74
N CYS A 7 0.68 -2.50 0.70
CA CYS A 7 -0.46 -3.06 1.41
C CYS A 7 -0.10 -3.42 2.85
N ALA A 8 0.75 -2.59 3.47
CA ALA A 8 1.15 -2.83 4.85
C ALA A 8 0.01 -2.55 5.82
N LEU A 9 -0.69 -3.60 6.21
CA LEU A 9 -1.82 -3.47 7.13
C LEU A 9 -2.86 -2.51 6.57
N VAL A 10 -2.95 -2.45 5.24
CA VAL A 10 -3.90 -1.57 4.58
C VAL A 10 -5.11 -2.33 4.04
N ASP A 11 -4.84 -3.38 3.27
CA ASP A 11 -5.93 -4.17 2.69
C ASP A 11 -5.51 -5.63 2.49
N CYS A 12 -4.62 -6.11 3.36
CA CYS A 12 -4.14 -7.49 3.29
C CYS A 12 -3.01 -7.75 4.29
N GLY A 13 -2.10 -6.79 4.40
CA GLY A 13 -0.98 -6.94 5.31
C GLY A 13 0.34 -6.62 4.63
N PRO A 14 1.40 -6.31 5.40
CA PRO A 14 2.71 -5.98 4.84
C PRO A 14 3.40 -7.19 4.23
N ASN A 15 2.75 -7.81 3.24
CA ASN A 15 3.29 -8.97 2.56
C ASN A 15 2.82 -9.04 1.11
N ARG A 16 2.42 -7.90 0.56
CA ARG A 16 1.93 -7.85 -0.82
C ARG A 16 2.37 -6.56 -1.51
N PRO A 17 2.79 -6.64 -2.79
CA PRO A 17 3.22 -5.46 -3.55
C PRO A 17 2.04 -4.69 -4.13
N CYS A 18 1.86 -3.46 -3.67
CA CYS A 18 0.77 -2.62 -4.15
C CYS A 18 1.27 -1.66 -5.24
N ARG A 19 0.32 -0.95 -5.86
CA ARG A 19 0.66 -0.01 -6.91
C ARG A 19 0.67 1.43 -6.39
N ASP A 20 1.85 2.01 -6.26
CA ASP A 20 2.00 3.37 -5.78
C ASP A 20 2.06 4.35 -6.94
N THR A 21 0.97 5.09 -7.14
CA THR A 21 0.89 6.06 -8.23
C THR A 21 1.27 7.46 -7.74
N GLY A 22 1.04 7.73 -6.46
CA GLY A 22 1.37 9.03 -5.90
C GLY A 22 2.11 8.92 -4.58
N PHE A 23 1.94 9.93 -3.73
CA PHE A 23 2.60 9.96 -2.42
C PHE A 23 1.72 9.31 -1.36
N SME A 24 2.20 8.20 -0.80
CA SME A 24 1.45 7.48 0.22
CB SME A 24 1.37 8.29 1.51
CG SME A 24 2.71 8.41 2.23
S SME A 24 3.86 9.51 1.39
OE SME A 24 5.13 9.49 2.04
CE SME A 24 3.07 11.10 1.49
C SME A 24 0.04 7.13 -0.27
O SME A 24 -0.96 7.55 0.32
H SME A 24 3.07 7.86 -1.10
HA SME A 24 1.98 6.55 0.42
HB2 SME A 24 1.03 9.29 1.27
HB3 SME A 24 0.66 7.82 2.18
HG2 SME A 24 2.52 8.80 3.22
HG3 SME A 24 3.15 7.44 2.30
HE1 SME A 24 3.69 11.84 1.00
HE2 SME A 24 2.93 11.38 2.52
HE3 SME A 24 2.11 11.06 1.00
N SER A 25 -0.03 6.36 -1.36
CA SER A 25 -1.30 5.96 -1.93
C SER A 25 -1.17 4.60 -2.61
N CYS A 26 -1.37 3.54 -1.84
CA CYS A 26 -1.26 2.19 -2.36
C CYS A 26 -2.60 1.70 -2.91
N ASP A 27 -2.62 1.40 -4.21
CA ASP A 27 -3.84 0.92 -4.85
C ASP A 27 -3.63 -0.49 -5.40
N CYS A 28 -4.09 -1.49 -4.65
CA CYS A 28 -3.96 -2.88 -5.06
C CYS A 28 -5.16 -3.32 -5.89
N PHE A 1 -6.51 6.35 1.49
CA PHE A 1 -5.66 5.89 2.62
C PHE A 1 -4.18 6.01 2.28
N PHE A 2 -3.38 6.46 3.25
CA PHE A 2 -1.95 6.62 3.05
C PHE A 2 -1.21 5.32 3.30
N CYS A 3 -0.41 4.89 2.32
CA CYS A 3 0.35 3.65 2.44
C CYS A 3 1.77 3.94 2.94
N PRO A 4 2.16 3.36 4.08
CA PRO A 4 3.50 3.56 4.64
C PRO A 4 4.52 2.58 4.07
N PHE A 5 4.04 1.40 3.68
CA PHE A 5 4.92 0.37 3.12
C PHE A 5 4.16 -0.50 2.12
N GLY A 6 3.16 0.09 1.48
CA GLY A 6 2.36 -0.65 0.53
C GLY A 6 1.06 -1.15 1.12
N CYS A 7 0.89 -2.47 1.15
CA CYS A 7 -0.31 -3.07 1.71
C CYS A 7 -0.14 -3.36 3.20
N ALA A 8 0.88 -2.77 3.81
CA ALA A 8 1.15 -2.96 5.23
C ALA A 8 -0.03 -2.52 6.07
N LEU A 9 -0.68 -3.48 6.73
CA LEU A 9 -1.84 -3.19 7.57
C LEU A 9 -2.85 -2.33 6.82
N VAL A 10 -2.87 -2.46 5.50
CA VAL A 10 -3.79 -1.70 4.67
C VAL A 10 -5.01 -2.54 4.29
N ASP A 11 -4.79 -3.54 3.45
CA ASP A 11 -5.89 -4.41 3.02
C ASP A 11 -5.41 -5.82 2.73
N CYS A 12 -4.38 -6.24 3.45
CA CYS A 12 -3.83 -7.59 3.29
C CYS A 12 -2.57 -7.79 4.13
N GLY A 13 -1.78 -6.72 4.25
CA GLY A 13 -0.54 -6.80 4.99
C GLY A 13 0.66 -6.47 4.13
N PRO A 14 1.84 -6.24 4.73
CA PRO A 14 3.06 -5.91 3.98
C PRO A 14 3.66 -7.13 3.29
N ASN A 15 2.95 -7.64 2.28
CA ASN A 15 3.43 -8.82 1.54
C ASN A 15 2.95 -8.80 0.08
N ARG A 16 1.75 -8.28 -0.15
CA ARG A 16 1.19 -8.22 -1.49
C ARG A 16 1.57 -6.92 -2.19
N PRO A 17 2.14 -7.00 -3.41
CA PRO A 17 2.54 -5.81 -4.16
C PRO A 17 1.37 -4.86 -4.39
N CYS A 18 1.68 -3.62 -4.77
CA CYS A 18 0.65 -2.62 -5.01
C CYS A 18 1.08 -1.64 -6.10
N ARG A 19 0.17 -0.77 -6.49
CA ARG A 19 0.44 0.23 -7.52
C ARG A 19 0.76 1.58 -6.89
N ASP A 20 2.06 1.87 -6.73
CA ASP A 20 2.49 3.12 -6.14
C ASP A 20 2.67 4.19 -7.21
N THR A 21 1.60 4.93 -7.50
CA THR A 21 1.65 5.98 -8.51
C THR A 21 2.05 7.31 -7.89
N GLY A 22 1.76 7.49 -6.60
CA GLY A 22 2.09 8.73 -5.93
C GLY A 22 2.62 8.49 -4.53
N PHE A 23 2.67 9.55 -3.73
CA PHE A 23 3.16 9.45 -2.35
C PHE A 23 2.02 9.15 -1.39
N SME A 24 2.07 7.98 -0.75
CA SME A 24 1.04 7.58 0.20
CB SME A 24 0.87 8.64 1.29
CG SME A 24 2.17 9.09 1.91
S SME A 24 3.13 7.70 2.58
OE SME A 24 3.51 6.82 1.54
CE SME A 24 2.01 6.95 3.75
C SME A 24 -0.28 7.33 -0.52
O SME A 24 -1.33 7.82 -0.09
H SME A 24 2.83 7.38 -0.93
HA SME A 24 1.36 6.66 0.65
HB2 SME A 24 0.39 9.51 0.84
HB3 SME A 24 0.23 8.24 2.05
HG2 SME A 24 2.77 9.59 1.17
HG3 SME A 24 1.95 9.77 2.72
HE1 SME A 24 1.72 7.67 4.49
HE2 SME A 24 2.49 6.12 4.24
HE3 SME A 24 1.13 6.60 3.22
N SER A 25 -0.24 6.58 -1.61
CA SER A 25 -1.43 6.26 -2.37
C SER A 25 -1.30 4.90 -3.05
N CYS A 26 -1.15 3.87 -2.24
CA CYS A 26 -1.00 2.51 -2.75
C CYS A 26 -2.35 1.79 -2.83
N ASP A 27 -2.82 1.55 -4.05
CA ASP A 27 -4.08 0.86 -4.25
C ASP A 27 -3.87 -0.63 -4.41
N CYS A 28 -3.90 -1.35 -3.29
CA CYS A 28 -3.68 -2.79 -3.30
C CYS A 28 -5.01 -3.53 -3.47
N PHE A 1 -6.53 6.08 2.89
CA PHE A 1 -5.48 5.34 3.64
C PHE A 1 -4.11 5.58 3.01
N PHE A 2 -3.12 5.89 3.85
CA PHE A 2 -1.77 6.13 3.38
C PHE A 2 -0.96 4.85 3.35
N CYS A 3 0.01 4.80 2.44
CA CYS A 3 0.88 3.63 2.29
C CYS A 3 2.32 3.96 2.67
N PRO A 4 2.81 3.43 3.80
CA PRO A 4 4.18 3.67 4.25
C PRO A 4 5.19 2.72 3.59
N PHE A 5 4.69 1.59 3.09
CA PHE A 5 5.53 0.60 2.44
C PHE A 5 4.81 -0.04 1.27
N GLY A 6 3.68 -0.68 1.56
CA GLY A 6 2.90 -1.33 0.52
C GLY A 6 1.48 -1.64 0.97
N CYS A 7 1.18 -2.94 1.10
CA CYS A 7 -0.15 -3.37 1.53
C CYS A 7 -0.20 -3.51 3.06
N ALA A 8 0.74 -2.87 3.75
CA ALA A 8 0.79 -2.91 5.20
C ALA A 8 -0.38 -2.17 5.82
N LEU A 9 -1.22 -2.90 6.56
CA LEU A 9 -2.39 -2.32 7.20
C LEU A 9 -3.28 -1.62 6.18
N VAL A 10 -3.17 -2.04 4.92
CA VAL A 10 -3.97 -1.45 3.85
C VAL A 10 -5.19 -2.32 3.54
N ASP A 11 -4.96 -3.45 2.88
CA ASP A 11 -6.05 -4.36 2.53
C ASP A 11 -5.58 -5.80 2.47
N CYS A 12 -4.58 -6.12 3.30
CA CYS A 12 -4.03 -7.47 3.33
C CYS A 12 -2.85 -7.57 4.30
N GLY A 13 -2.05 -6.51 4.34
CA GLY A 13 -0.89 -6.49 5.22
C GLY A 13 0.40 -6.30 4.44
N PRO A 14 1.53 -6.12 5.13
CA PRO A 14 2.83 -5.93 4.48
C PRO A 14 3.35 -7.21 3.84
N ASN A 15 2.70 -7.64 2.76
CA ASN A 15 3.11 -8.85 2.06
C ASN A 15 2.86 -8.74 0.55
N ARG A 16 1.66 -8.27 0.18
CA ARG A 16 1.30 -8.14 -1.23
C ARG A 16 1.63 -6.74 -1.75
N PRO A 17 2.35 -6.64 -2.89
CA PRO A 17 2.71 -5.36 -3.48
C PRO A 17 1.48 -4.57 -3.93
N CYS A 18 1.70 -3.30 -4.27
CA CYS A 18 0.60 -2.45 -4.71
C CYS A 18 1.07 -1.46 -5.77
N ARG A 19 0.13 -0.74 -6.37
CA ARG A 19 0.45 0.24 -7.40
C ARG A 19 0.71 1.61 -6.79
N ASP A 20 1.93 2.09 -6.93
CA ASP A 20 2.31 3.39 -6.39
C ASP A 20 2.06 4.50 -7.40
N THR A 21 0.96 5.21 -7.23
CA THR A 21 0.61 6.30 -8.13
C THR A 21 1.19 7.63 -7.64
N GLY A 22 1.34 7.74 -6.32
CA GLY A 22 1.89 8.96 -5.75
C GLY A 22 2.53 8.72 -4.40
N PHE A 23 2.40 9.70 -3.50
CA PHE A 23 2.98 9.58 -2.16
C PHE A 23 1.99 8.96 -1.19
N SME A 24 2.34 7.79 -0.66
CA SME A 24 1.48 7.08 0.28
CB SME A 24 1.33 7.88 1.58
CG SME A 24 2.57 7.85 2.46
S SME A 24 3.94 8.82 1.78
OE SME A 24 5.10 8.66 2.59
CE SME A 24 3.31 10.49 1.83
C SME A 24 0.11 6.82 -0.33
O SME A 24 -0.91 7.29 0.18
H SME A 24 3.21 7.40 -0.92
HA SME A 24 1.95 6.14 0.50
HB2 SME A 24 1.12 8.91 1.33
HB3 SME A 24 0.51 7.48 2.14
HG2 SME A 24 2.32 8.24 3.43
HG3 SME A 24 2.90 6.82 2.56
HE1 SME A 24 4.04 11.17 1.42
HE2 SME A 24 3.10 10.77 2.85
HE3 SME A 24 2.40 10.55 1.24
N SER A 25 0.09 6.07 -1.42
CA SER A 25 -1.16 5.74 -2.11
C SER A 25 -1.05 4.40 -2.81
N CYS A 26 -1.03 3.33 -2.02
CA CYS A 26 -0.91 1.98 -2.56
C CYS A 26 -2.28 1.38 -2.86
N ASP A 27 -2.57 1.20 -4.14
CA ASP A 27 -3.85 0.63 -4.57
C ASP A 27 -3.69 -0.81 -5.01
N CYS A 28 -3.86 -1.74 -4.08
CA CYS A 28 -3.74 -3.17 -4.37
C CYS A 28 -5.01 -3.91 -3.99
#